data_8Z8Y
#
_entry.id   8Z8Y
#
_cell.length_a   198.360
_cell.length_b   198.360
_cell.length_c   184.350
_cell.angle_alpha   90.000
_cell.angle_beta   90.000
_cell.angle_gamma   120.000
#
_symmetry.space_group_name_H-M   'P 65 2 2'
#
loop_
_entity.id
_entity.type
_entity.pdbx_description
1 polymer 'Piwi domain-containing protein'
2 polymer 'TIR domain-containing protein'
3 non-polymer 'MAGNESIUM ION'
4 water water
#
loop_
_entity_poly.entity_id
_entity_poly.type
_entity_poly.pdbx_seq_one_letter_code
_entity_poly.pdbx_strand_id
1 'polypeptide(L)'
;MKELIYIEEPSILFAHGQKCTDPRDGLALFGPLNQIYGIKSGVVGTQKGLQIFKSYLDKIQKPIYNHNNITRPMFPGFEA
VFGCKWESQNIVFKEITDEEIRRYLFNASTHKRTYDLVTLFNDKIITANKNDEERVDVWFVIVPEEIYKYCRPNSVLPNE
LVQTKSLISKSKAKSFRYTPTLFEEFNKKLKEVEKEAKTYNYDAQFHDQLKARLLEHTIPTQILRESTLAWRDFKNTFGA
PIRDFSKIEGHLAWTISTAAYYKAGGKPWKLGDIRPGVCYLGLVYKKIEKSKNPQNACCAAQMFLDNGDGTVFKGEVGPW
YNPEKGEYHLKPKEAKALLTQALESYKEQNKSYPKEVFIHARTRFNDEEWNAFNEVTPKNTNLVGVTITKSKPLKLYKTE
GAFPIMRGNAYIVDEKKAFLWTLGFVPKLQSTLSMEVPNPIFIEINKGEAEIQQVLKDILALTKLNYNACIYADGEPVTL
RFANKIGEILTASTEIKTPPLAFKYYI
;
A
2 'polypeptide(L)'
;MRNKIFISHATPEDDDFTRWLSLKLIGLGYEVWCDILFLDKGVDFWSTIEKEIRENTCKFLIVSSTAGNKREGVLKELAV
ATKVKKHLQDDMFIIPLAIDENLSYDDINIEIVRLNAIDFKKSWAKGLQDLLDAFEKQNVPKKPPDHSKSNLLYQQIFLH
DKQAIEKEETYDSNWFPIISFPNELRFHRYDWRLPKQFDVRTLAFPAIRYKEYLCTFAWEYDFIHQLPKTETYNGQESIR
ISTSDILSGRYDTDFIRNYECQRLIVQLINKAFELRMKDKNVREYQMSKTFAYWIEKGKLEKDKFEKIKLVGKQKNKYWH
FGISAAGKLYPSPVLMVSSHIIFTMDGINLIKSKSIQHSSRRKQGKNWWNDKWREKLLAFIRFLSDDQNAIYLNVGSEEK
ILISNKPLKFFGKMSYVTPSEVTLEEESVLADINNFEEDTEDLDELEDIE
;
B
#
loop_
_chem_comp.id
_chem_comp.type
_chem_comp.name
_chem_comp.formula
MG non-polymer 'MAGNESIUM ION' 'Mg 2'
#
# COMPACT_ATOMS: atom_id res chain seq x y z
N MET A 1 19.28 -20.66 -16.53
CA MET A 1 18.77 -19.37 -16.02
C MET A 1 17.23 -19.34 -15.99
N LYS A 2 16.61 -19.19 -14.81
CA LYS A 2 15.16 -19.15 -14.74
C LYS A 2 14.64 -17.76 -15.10
N GLU A 3 13.38 -17.74 -15.53
CA GLU A 3 12.84 -16.64 -16.30
C GLU A 3 11.54 -16.13 -15.72
N LEU A 4 11.10 -14.97 -16.16
CA LEU A 4 9.87 -14.44 -15.61
C LEU A 4 8.70 -14.28 -16.57
N ILE A 5 7.57 -14.84 -16.17
CA ILE A 5 6.31 -14.64 -16.83
C ILE A 5 5.77 -13.30 -16.40
N TYR A 6 4.78 -12.80 -17.12
CA TYR A 6 4.12 -11.56 -16.77
C TYR A 6 2.64 -11.80 -16.59
N ILE A 7 2.06 -11.29 -15.52
CA ILE A 7 0.64 -11.48 -15.29
C ILE A 7 -0.12 -10.28 -15.78
N GLU A 8 -1.14 -10.51 -16.61
CA GLU A 8 -1.88 -9.40 -17.15
C GLU A 8 -2.55 -8.66 -16.00
N GLU A 9 -2.42 -7.35 -16.02
CA GLU A 9 -3.00 -6.46 -15.04
C GLU A 9 -4.50 -6.70 -14.91
N PRO A 10 -5.03 -6.89 -13.72
CA PRO A 10 -6.43 -7.31 -13.60
C PRO A 10 -7.37 -6.18 -13.99
N SER A 11 -8.68 -6.46 -13.92
CA SER A 11 -9.72 -5.56 -14.41
C SER A 11 -10.89 -5.49 -13.43
N ILE A 12 -11.21 -4.27 -12.99
CA ILE A 12 -12.33 -4.03 -12.10
C ILE A 12 -13.49 -3.46 -12.90
N LEU A 13 -14.70 -3.86 -12.50
CA LEU A 13 -15.97 -3.47 -13.11
C LEU A 13 -16.42 -2.10 -12.63
N PHE A 14 -17.15 -1.41 -13.48
CA PHE A 14 -17.71 -0.11 -13.17
C PHE A 14 -19.13 -0.09 -13.70
N ALA A 15 -19.90 0.90 -13.33
CA ALA A 15 -21.26 0.98 -13.80
C ALA A 15 -21.18 1.07 -15.31
N HIS A 16 -22.16 0.47 -15.97
CA HIS A 16 -22.21 0.44 -17.43
C HIS A 16 -21.38 -0.68 -18.01
N GLY A 17 -20.79 -1.49 -17.15
CA GLY A 17 -20.12 -2.68 -17.60
C GLY A 17 -18.84 -2.34 -18.30
N GLN A 18 -18.41 -1.09 -18.21
CA GLN A 18 -17.10 -0.75 -18.71
C GLN A 18 -16.15 -1.50 -17.80
N LYS A 19 -15.03 -1.96 -18.32
CA LYS A 19 -14.07 -2.63 -17.48
C LYS A 19 -12.77 -1.89 -17.59
N CYS A 20 -12.17 -1.54 -16.46
CA CYS A 20 -10.95 -0.75 -16.49
C CYS A 20 -9.93 -1.15 -15.45
N THR A 21 -8.66 -0.94 -15.78
CA THR A 21 -7.58 -1.15 -14.83
C THR A 21 -7.57 -0.18 -13.65
N ASP A 22 -7.80 1.10 -13.93
CA ASP A 22 -7.59 2.13 -12.93
C ASP A 22 -8.91 2.63 -12.40
N PRO A 23 -9.08 2.50 -11.02
CA PRO A 23 -10.42 2.89 -10.57
C PRO A 23 -10.64 4.35 -10.85
N ARG A 24 -9.61 5.15 -10.66
CA ARG A 24 -9.85 6.58 -10.75
C ARG A 24 -10.37 6.97 -12.12
N ASP A 25 -9.77 6.46 -13.19
CA ASP A 25 -10.30 6.73 -14.51
C ASP A 25 -11.65 6.09 -14.58
N GLY A 26 -11.74 4.88 -14.07
CA GLY A 26 -12.89 4.05 -14.29
C GLY A 26 -14.12 4.71 -13.73
N LEU A 27 -13.97 5.35 -12.58
CA LEU A 27 -15.08 6.07 -12.01
C LEU A 27 -15.49 7.24 -12.89
N ALA A 28 -14.52 8.00 -13.35
CA ALA A 28 -14.86 9.22 -14.05
C ALA A 28 -15.59 8.94 -15.34
N LEU A 29 -15.09 7.98 -16.10
CA LEU A 29 -15.73 7.62 -17.35
C LEU A 29 -17.09 7.03 -17.19
N PHE A 30 -17.25 6.16 -16.20
CA PHE A 30 -18.50 5.41 -16.13
C PHE A 30 -19.17 5.51 -14.78
N GLY A 31 -18.44 5.93 -13.74
CA GLY A 31 -19.00 6.07 -12.40
C GLY A 31 -19.04 4.80 -11.57
N PRO A 32 -19.81 4.83 -10.49
CA PRO A 32 -19.79 3.73 -9.51
C PRO A 32 -20.63 2.52 -9.87
N LEU A 33 -20.14 1.34 -9.47
CA LEU A 33 -20.79 0.08 -9.85
C LEU A 33 -22.24 0.05 -9.40
N ASN A 34 -22.49 0.30 -8.14
CA ASN A 34 -23.86 0.58 -7.75
C ASN A 34 -23.95 2.03 -7.28
N GLN A 35 -25.18 2.50 -7.15
CA GLN A 35 -25.40 3.92 -6.96
C GLN A 35 -26.44 4.16 -5.90
N ILE A 36 -26.22 5.23 -5.18
CA ILE A 36 -27.09 5.73 -4.13
C ILE A 36 -27.43 7.18 -4.44
N TYR A 37 -28.59 7.60 -3.96
CA TYR A 37 -29.16 8.88 -4.34
C TYR A 37 -28.97 9.96 -3.28
N GLY A 38 -27.83 9.94 -2.56
CA GLY A 38 -27.46 11.01 -1.62
C GLY A 38 -26.37 10.69 -0.58
N ILE A 39 -25.78 11.73 0.01
CA ILE A 39 -24.92 11.60 1.19
C ILE A 39 -25.41 12.62 2.20
N LYS A 40 -26.38 12.24 3.05
CA LYS A 40 -26.81 13.10 4.16
C LYS A 40 -25.74 13.05 5.24
N SER A 41 -24.92 14.08 5.28
CA SER A 41 -23.74 14.06 6.13
C SER A 41 -24.11 14.42 7.58
N GLY A 42 -23.76 13.55 8.52
CA GLY A 42 -23.70 13.92 9.93
C GLY A 42 -22.32 14.47 10.27
N VAL A 43 -22.28 15.56 11.04
CA VAL A 43 -21.00 16.17 11.38
C VAL A 43 -20.90 16.37 12.89
N VAL A 44 -19.80 15.89 13.47
CA VAL A 44 -19.48 16.09 14.88
C VAL A 44 -18.10 16.71 14.97
N GLY A 45 -17.99 17.75 15.79
CA GLY A 45 -16.83 18.59 15.78
C GLY A 45 -17.17 19.92 16.43
N THR A 46 -16.21 20.86 16.35
CA THR A 46 -16.30 22.19 16.94
C THR A 46 -17.03 23.11 15.97
N GLN A 47 -17.19 24.37 16.35
CA GLN A 47 -17.72 25.32 15.37
C GLN A 47 -16.78 25.43 14.18
N LYS A 48 -15.55 25.88 14.45
CA LYS A 48 -14.57 26.08 13.39
C LYS A 48 -14.38 24.83 12.55
N GLY A 49 -14.41 23.68 13.17
CA GLY A 49 -14.21 22.48 12.38
C GLY A 49 -15.31 22.29 11.36
N LEU A 50 -16.53 22.62 11.74
CA LEU A 50 -17.65 22.38 10.89
C LEU A 50 -17.50 23.16 9.60
N GLN A 51 -17.07 24.40 9.70
CA GLN A 51 -16.92 25.22 8.52
C GLN A 51 -15.87 24.61 7.62
N ILE A 52 -14.81 24.12 8.21
CA ILE A 52 -13.71 23.62 7.43
C ILE A 52 -14.25 22.50 6.60
N PHE A 53 -15.15 21.72 7.19
CA PHE A 53 -15.76 20.66 6.44
C PHE A 53 -16.54 21.26 5.31
N LYS A 54 -17.32 22.29 5.61
CA LYS A 54 -18.18 22.85 4.58
C LYS A 54 -17.31 23.44 3.51
N SER A 55 -16.29 24.16 3.93
CA SER A 55 -15.47 24.85 2.98
C SER A 55 -14.88 23.81 2.07
N TYR A 56 -14.40 22.72 2.64
CA TYR A 56 -13.87 21.65 1.82
C TYR A 56 -14.92 21.03 0.94
N LEU A 57 -16.09 20.80 1.52
CA LEU A 57 -17.09 20.06 0.80
C LEU A 57 -17.47 20.80 -0.45
N ASP A 58 -17.59 22.11 -0.33
CA ASP A 58 -17.96 22.92 -1.47
C ASP A 58 -16.89 22.79 -2.53
N LYS A 59 -15.64 22.82 -2.09
CA LYS A 59 -14.55 22.92 -3.02
C LYS A 59 -14.57 21.73 -3.93
N ILE A 60 -14.86 20.57 -3.38
CA ILE A 60 -14.81 19.34 -4.16
C ILE A 60 -15.85 19.28 -5.27
N GLN A 61 -16.90 20.07 -5.15
CA GLN A 61 -17.91 20.08 -6.19
C GLN A 61 -17.25 20.52 -7.47
N LYS A 62 -16.36 21.49 -7.38
CA LYS A 62 -15.55 21.90 -8.51
C LYS A 62 -14.54 20.85 -8.86
N PRO A 63 -14.10 20.81 -10.19
CA PRO A 63 -13.02 19.83 -10.44
C PRO A 63 -11.70 20.31 -9.85
N ILE A 64 -10.83 19.38 -9.47
CA ILE A 64 -9.55 19.71 -8.82
C ILE A 64 -8.39 19.03 -9.50
N TYR A 65 -7.23 19.68 -9.52
CA TYR A 65 -6.11 19.16 -10.30
C TYR A 65 -4.91 18.91 -9.38
N ASN A 66 -4.24 17.78 -9.58
CA ASN A 66 -2.94 17.51 -9.00
C ASN A 66 -1.87 18.21 -9.84
N HIS A 67 -0.61 18.05 -9.47
CA HIS A 67 0.43 18.67 -10.29
C HIS A 67 0.75 17.88 -11.55
N ASN A 68 0.98 16.58 -11.41
CA ASN A 68 1.12 15.68 -12.54
C ASN A 68 -0.18 14.89 -12.62
N ASN A 69 -1.10 15.38 -13.46
CA ASN A 69 -2.36 14.68 -13.69
C ASN A 69 -2.20 13.45 -14.57
N ILE A 70 -1.00 13.25 -15.15
CA ILE A 70 -0.68 12.03 -15.87
C ILE A 70 -0.43 10.87 -14.91
N THR A 71 0.45 11.11 -13.92
CA THR A 71 0.73 10.13 -12.88
C THR A 71 -0.40 10.04 -11.86
N ARG A 72 -1.24 11.07 -11.78
CA ARG A 72 -2.46 11.07 -10.96
C ARG A 72 -3.62 11.68 -11.74
N PRO A 73 -4.56 10.87 -12.23
CA PRO A 73 -5.86 11.38 -12.64
C PRO A 73 -6.34 12.53 -11.81
N MET A 74 -6.75 13.53 -12.57
CA MET A 74 -7.44 14.70 -12.06
C MET A 74 -8.86 14.37 -11.57
N PHE A 75 -9.36 15.21 -10.65
CA PHE A 75 -10.67 14.97 -10.06
C PHE A 75 -11.74 15.88 -10.70
N PRO A 76 -12.59 15.32 -11.56
CA PRO A 76 -13.72 16.09 -12.09
C PRO A 76 -14.60 16.76 -11.04
N GLY A 77 -14.92 16.08 -9.94
CA GLY A 77 -15.62 16.77 -8.87
C GLY A 77 -16.76 15.88 -8.51
N PHE A 78 -17.27 15.98 -7.28
CA PHE A 78 -18.14 14.93 -6.80
C PHE A 78 -19.29 14.69 -7.77
N GLU A 79 -20.05 15.72 -8.09
CA GLU A 79 -21.28 15.44 -8.76
C GLU A 79 -20.95 14.73 -10.05
N ALA A 80 -19.93 15.22 -10.73
CA ALA A 80 -19.57 14.67 -12.02
C ALA A 80 -19.13 13.22 -11.93
N VAL A 81 -18.31 12.90 -10.95
CA VAL A 81 -17.86 11.54 -10.75
C VAL A 81 -18.88 10.53 -10.27
N PHE A 82 -19.67 10.89 -9.27
CA PHE A 82 -20.58 9.92 -8.68
C PHE A 82 -22.02 10.17 -9.04
N GLY A 83 -22.27 11.26 -9.74
CA GLY A 83 -23.64 11.65 -10.03
C GLY A 83 -24.28 12.17 -8.75
N CYS A 84 -24.26 11.36 -7.71
CA CYS A 84 -24.94 11.74 -6.48
C CYS A 84 -24.27 12.99 -5.97
N LYS A 85 -25.04 13.82 -5.30
CA LYS A 85 -24.54 15.10 -4.82
C LYS A 85 -24.26 15.04 -3.34
N TRP A 86 -23.08 15.48 -2.95
CA TRP A 86 -22.72 15.56 -1.54
C TRP A 86 -22.89 17.00 -1.17
N GLU A 87 -23.91 17.31 -0.38
CA GLU A 87 -24.27 18.70 -0.21
C GLU A 87 -23.86 19.26 1.12
N SER A 88 -22.98 20.24 1.06
CA SER A 88 -22.53 20.95 2.25
C SER A 88 -23.64 21.65 2.99
N GLN A 89 -24.82 21.74 2.42
CA GLN A 89 -25.87 22.45 3.10
C GLN A 89 -26.97 21.49 3.51
N ASN A 90 -26.71 20.20 3.37
CA ASN A 90 -27.60 19.14 3.81
C ASN A 90 -26.82 18.34 4.85
N ILE A 91 -26.72 18.89 6.06
CA ILE A 91 -25.81 18.40 7.10
C ILE A 91 -26.56 18.32 8.41
N VAL A 92 -26.13 17.42 9.27
CA VAL A 92 -26.61 17.35 10.64
C VAL A 92 -25.44 17.70 11.55
N PHE A 93 -25.63 18.66 12.45
CA PHE A 93 -24.52 19.11 13.29
C PHE A 93 -24.80 18.82 14.76
N LYS A 94 -24.04 17.91 15.35
CA LYS A 94 -23.98 17.83 16.80
C LYS A 94 -22.69 18.55 17.23
N GLU A 95 -22.84 19.76 17.79
CA GLU A 95 -21.72 20.61 18.14
C GLU A 95 -20.98 20.12 19.37
N ILE A 96 -19.69 20.41 19.38
CA ILE A 96 -18.82 20.15 20.51
C ILE A 96 -18.21 21.47 20.89
N THR A 97 -18.53 21.93 22.09
CA THR A 97 -18.09 23.24 22.50
C THR A 97 -16.60 23.19 22.82
N ASP A 98 -15.90 24.29 22.59
CA ASP A 98 -14.49 24.28 22.93
C ASP A 98 -14.32 24.12 24.42
N GLU A 99 -15.23 24.71 25.18
CA GLU A 99 -15.25 24.63 26.63
C GLU A 99 -15.44 23.20 27.16
N GLU A 100 -15.98 22.26 26.34
CA GLU A 100 -16.08 20.83 26.67
C GLU A 100 -14.74 20.14 26.42
N ILE A 101 -14.10 20.44 25.29
CA ILE A 101 -12.79 19.87 25.03
C ILE A 101 -11.79 20.41 26.04
N ARG A 102 -11.76 21.75 26.25
CA ARG A 102 -10.90 22.38 27.27
C ARG A 102 -10.90 21.50 28.50
N ARG A 103 -12.10 21.09 28.94
CA ARG A 103 -12.29 20.30 30.15
C ARG A 103 -11.59 18.95 30.11
N TYR A 104 -12.01 18.03 29.26
CA TYR A 104 -11.48 16.67 29.38
C TYR A 104 -10.07 16.50 28.89
N LEU A 105 -9.54 17.47 28.15
CA LEU A 105 -8.26 17.25 27.46
C LEU A 105 -7.07 17.40 28.39
N PHE A 106 -7.11 18.35 29.33
CA PHE A 106 -5.94 18.69 30.16
C PHE A 106 -5.85 17.80 31.40
N ASN A 107 -5.56 16.53 31.14
CA ASN A 107 -5.44 15.54 32.18
C ASN A 107 -4.10 14.85 32.07
N ALA A 108 -3.62 14.36 33.20
CA ALA A 108 -2.24 13.94 33.28
C ALA A 108 -1.82 12.80 32.38
N SER A 109 -2.64 11.76 32.25
CA SER A 109 -2.24 10.66 31.38
C SER A 109 -3.20 10.45 30.27
N THR A 110 -2.63 10.02 29.17
CA THR A 110 -3.26 10.00 27.90
C THR A 110 -4.49 9.14 27.96
N HIS A 111 -4.42 8.06 28.71
CA HIS A 111 -5.51 7.14 28.71
C HIS A 111 -6.73 7.82 29.24
N LYS A 112 -6.59 8.57 30.33
CA LYS A 112 -7.73 9.31 30.84
C LYS A 112 -8.10 10.35 29.83
N ARG A 113 -7.09 10.99 29.27
CA ARG A 113 -7.28 12.10 28.35
C ARG A 113 -7.99 11.64 27.11
N THR A 114 -7.57 10.50 26.60
CA THR A 114 -8.12 9.98 25.36
C THR A 114 -9.47 9.33 25.58
N TYR A 115 -9.63 8.64 26.68
CA TYR A 115 -10.90 7.97 26.81
C TYR A 115 -12.00 9.01 26.95
N ASP A 116 -11.69 10.07 27.70
CA ASP A 116 -12.76 11.01 28.04
C ASP A 116 -13.23 11.73 26.79
N LEU A 117 -12.28 12.06 25.91
CA LEU A 117 -12.59 12.73 24.66
C LEU A 117 -13.35 11.80 23.73
N VAL A 118 -12.84 10.59 23.52
CA VAL A 118 -13.61 9.63 22.74
C VAL A 118 -15.01 9.48 23.29
N THR A 119 -15.14 9.47 24.59
CA THR A 119 -16.44 9.23 25.15
C THR A 119 -17.33 10.32 24.65
N LEU A 120 -16.77 11.50 24.58
CA LEU A 120 -17.56 12.67 24.25
C LEU A 120 -18.19 12.60 22.87
N PHE A 121 -17.41 12.20 21.89
CA PHE A 121 -17.91 12.13 20.54
C PHE A 121 -19.00 11.09 20.36
N ASN A 122 -18.80 9.92 20.93
CA ASN A 122 -19.76 8.86 20.73
C ASN A 122 -21.06 9.30 21.30
N ASP A 123 -20.99 9.95 22.44
CA ASP A 123 -22.18 10.20 23.18
C ASP A 123 -23.09 11.03 22.32
N LYS A 124 -22.54 12.00 21.61
CA LYS A 124 -23.35 12.73 20.67
C LYS A 124 -23.82 11.83 19.55
N ILE A 125 -22.90 11.06 19.01
CA ILE A 125 -23.22 10.35 17.79
C ILE A 125 -24.33 9.39 18.05
N ILE A 126 -24.19 8.62 19.12
CA ILE A 126 -25.22 7.64 19.42
C ILE A 126 -26.47 8.39 19.74
N THR A 127 -26.32 9.45 20.52
CA THR A 127 -27.48 10.11 21.02
C THR A 127 -28.25 10.65 19.84
N ALA A 128 -27.54 11.27 18.91
CA ALA A 128 -28.21 11.83 17.75
C ALA A 128 -28.83 10.73 16.92
N ASN A 129 -28.03 9.71 16.64
CA ASN A 129 -28.50 8.68 15.74
C ASN A 129 -29.69 7.94 16.31
N LYS A 130 -29.63 7.57 17.59
CA LYS A 130 -30.73 6.86 18.18
C LYS A 130 -31.96 7.73 18.31
N ASN A 131 -31.75 8.93 18.84
CA ASN A 131 -32.85 9.85 19.07
C ASN A 131 -33.53 10.44 17.84
N ASP A 132 -32.72 10.88 16.88
CA ASP A 132 -33.25 11.64 15.77
C ASP A 132 -34.07 10.76 14.86
N GLU A 133 -35.21 11.30 14.43
CA GLU A 133 -36.07 10.61 13.50
C GLU A 133 -35.36 10.44 12.18
N GLU A 134 -34.63 11.48 11.79
CA GLU A 134 -34.03 11.54 10.46
C GLU A 134 -32.73 10.77 10.35
N ARG A 135 -32.68 9.88 9.37
CA ARG A 135 -31.51 9.07 9.13
C ARG A 135 -30.37 9.90 8.57
N VAL A 136 -29.15 9.51 8.91
CA VAL A 136 -27.96 10.07 8.27
C VAL A 136 -27.07 8.94 7.81
N ASP A 137 -26.57 9.04 6.59
CA ASP A 137 -25.72 8.01 6.04
C ASP A 137 -24.37 7.79 6.72
N VAL A 138 -23.69 8.85 7.12
CA VAL A 138 -22.30 8.76 7.53
C VAL A 138 -21.97 9.90 8.48
N TRP A 139 -21.43 9.61 9.66
CA TRP A 139 -21.03 10.66 10.59
C TRP A 139 -19.57 11.04 10.35
N PHE A 140 -19.30 12.34 10.30
CA PHE A 140 -18.00 12.87 9.91
C PHE A 140 -17.36 13.54 11.11
N VAL A 141 -16.27 12.94 11.56
CA VAL A 141 -15.66 13.27 12.84
C VAL A 141 -14.53 14.22 12.51
N ILE A 142 -14.65 15.47 12.94
CA ILE A 142 -13.70 16.50 12.56
C ILE A 142 -12.77 16.75 13.74
N VAL A 143 -11.55 16.24 13.60
CA VAL A 143 -10.63 16.06 14.72
C VAL A 143 -9.74 17.30 14.81
N PRO A 144 -9.94 18.17 15.80
CA PRO A 144 -8.99 19.24 16.06
C PRO A 144 -7.59 18.69 16.21
N GLU A 145 -6.62 19.48 15.81
CA GLU A 145 -5.27 18.95 15.82
C GLU A 145 -4.77 18.73 17.24
N GLU A 146 -5.23 19.53 18.19
CA GLU A 146 -4.71 19.35 19.53
C GLU A 146 -5.11 17.96 19.99
N ILE A 147 -6.33 17.56 19.70
CA ILE A 147 -6.78 16.25 20.10
C ILE A 147 -5.95 15.17 19.44
N TYR A 148 -5.65 15.34 18.17
CA TYR A 148 -4.84 14.36 17.48
C TYR A 148 -3.48 14.33 18.11
N LYS A 149 -2.95 15.47 18.45
CA LYS A 149 -1.60 15.53 18.97
C LYS A 149 -1.45 14.78 20.28
N TYR A 150 -2.40 14.99 21.18
CA TYR A 150 -2.25 14.54 22.54
C TYR A 150 -3.05 13.32 22.91
N CYS A 151 -3.71 12.74 21.93
CA CYS A 151 -4.57 11.61 22.17
C CYS A 151 -4.05 10.40 21.46
N ARG A 152 -2.74 10.33 21.35
CA ARG A 152 -2.10 9.20 20.73
C ARG A 152 -1.14 8.62 21.75
N PRO A 153 -0.92 7.25 21.66
CA PRO A 153 -0.03 6.75 22.71
C PRO A 153 1.31 7.40 22.55
N ASN A 154 1.96 7.66 23.67
CA ASN A 154 3.27 8.27 23.68
C ASN A 154 3.20 9.77 23.56
N SER A 155 1.99 10.30 23.47
CA SER A 155 1.83 11.73 23.52
C SER A 155 2.10 12.10 24.94
N VAL A 156 2.82 13.20 25.14
CA VAL A 156 3.15 13.65 26.48
C VAL A 156 2.68 15.09 26.64
N LEU A 157 1.57 15.29 27.35
CA LEU A 157 1.04 16.64 27.61
C LEU A 157 1.93 17.39 28.58
N PRO A 158 2.34 18.62 28.27
CA PRO A 158 3.25 19.35 29.17
C PRO A 158 2.65 19.48 30.57
N ASN A 159 3.50 19.38 31.59
CA ASN A 159 2.94 19.46 32.94
C ASN A 159 2.26 20.79 33.20
N GLU A 160 2.75 21.85 32.56
CA GLU A 160 2.29 23.18 32.87
C GLU A 160 0.88 23.46 32.32
N LEU A 161 0.36 22.54 31.50
CA LEU A 161 -1.03 22.59 31.06
C LEU A 161 -1.94 21.64 31.82
N VAL A 162 -1.41 20.78 32.65
CA VAL A 162 -2.27 19.82 33.32
C VAL A 162 -3.25 20.63 34.14
N GLN A 163 -4.53 20.31 34.02
CA GLN A 163 -5.54 21.03 34.78
C GLN A 163 -6.38 20.14 35.67
N THR A 164 -6.18 18.84 35.54
CA THR A 164 -6.82 17.90 36.43
C THR A 164 -5.77 16.87 36.77
N LYS A 165 -5.77 16.38 38.01
CA LYS A 165 -4.67 15.55 38.43
C LYS A 165 -5.02 14.09 38.49
N SER A 166 -4.23 13.27 37.85
CA SER A 166 -4.51 11.85 37.74
C SER A 166 -4.42 11.20 39.09
N LEU A 167 -5.29 10.23 39.34
CA LEU A 167 -5.32 9.56 40.63
C LEU A 167 -4.50 8.30 40.77
N ILE A 168 -3.97 7.76 39.68
CA ILE A 168 -3.20 6.52 39.79
C ILE A 168 -2.18 6.28 38.68
N SER A 169 -1.13 5.52 38.99
CA SER A 169 -0.08 5.20 38.04
C SER A 169 -0.56 4.25 36.95
N LYS A 170 0.07 4.37 35.77
CA LYS A 170 -0.26 3.48 34.66
C LYS A 170 -0.07 2.02 35.07
N SER A 171 1.03 1.75 35.78
CA SER A 171 1.43 0.40 36.19
C SER A 171 0.30 -0.32 36.94
N LYS A 172 -0.20 0.33 37.98
CA LYS A 172 -1.08 -0.29 38.95
C LYS A 172 -2.54 -0.33 38.51
N ALA A 173 -2.94 0.43 37.51
CA ALA A 173 -4.36 0.58 37.25
C ALA A 173 -4.99 -0.69 36.70
N LYS A 174 -4.29 -1.47 35.90
CA LYS A 174 -4.97 -2.65 35.37
C LYS A 174 -5.30 -3.67 36.44
N SER A 175 -4.56 -3.66 37.54
CA SER A 175 -4.86 -4.47 38.74
C SER A 175 -5.56 -3.58 39.75
N PHE A 176 -6.88 -3.49 39.62
CA PHE A 176 -7.62 -2.61 40.52
C PHE A 176 -9.02 -3.18 40.63
N ARG A 177 -9.46 -3.35 41.87
CA ARG A 177 -10.84 -3.70 42.18
C ARG A 177 -11.37 -2.55 42.99
N TYR A 178 -12.36 -1.84 42.48
CA TYR A 178 -13.10 -1.03 43.43
C TYR A 178 -14.01 -1.95 44.20
N THR A 179 -13.73 -2.07 45.47
CA THR A 179 -14.69 -2.78 46.24
C THR A 179 -15.14 -1.90 47.39
N PRO A 180 -16.34 -2.11 47.91
CA PRO A 180 -16.96 -1.11 48.77
C PRO A 180 -16.57 -1.17 50.22
N THR A 181 -16.13 -0.05 50.78
CA THR A 181 -15.89 0.04 52.19
C THR A 181 -17.23 0.12 52.85
N LEU A 182 -17.26 -0.12 54.14
CA LEU A 182 -18.47 0.10 54.89
C LEU A 182 -18.82 1.57 54.83
N PHE A 183 -17.81 2.44 54.84
CA PHE A 183 -18.05 3.88 54.83
C PHE A 183 -18.12 4.45 53.44
N GLU A 184 -19.26 5.04 53.12
CA GLU A 184 -19.56 5.57 51.81
C GLU A 184 -18.66 6.71 51.38
N GLU A 185 -18.39 7.61 52.31
CA GLU A 185 -17.78 8.86 51.96
C GLU A 185 -16.47 8.55 51.33
N PHE A 186 -15.82 7.53 51.87
CA PHE A 186 -14.57 7.06 51.32
C PHE A 186 -14.82 6.56 49.92
N ASN A 187 -15.95 5.90 49.72
CA ASN A 187 -16.23 5.29 48.43
C ASN A 187 -16.29 6.32 47.33
N LYS A 188 -16.78 7.51 47.64
CA LYS A 188 -16.94 8.50 46.61
C LYS A 188 -15.59 8.76 46.00
N LYS A 189 -14.55 8.93 46.81
CA LYS A 189 -13.22 8.98 46.23
C LYS A 189 -12.82 7.64 45.61
N LEU A 190 -13.41 6.54 46.08
CA LEU A 190 -12.98 5.27 45.51
C LEU A 190 -13.56 5.03 44.13
N LYS A 191 -14.84 5.31 43.95
CA LYS A 191 -15.44 5.20 42.62
C LYS A 191 -14.64 6.04 41.64
N GLU A 192 -14.34 7.28 42.03
CA GLU A 192 -13.48 8.18 41.26
C GLU A 192 -12.30 7.40 40.71
N VAL A 193 -11.53 6.77 41.59
CA VAL A 193 -10.36 6.03 41.13
C VAL A 193 -10.76 4.84 40.27
N GLU A 194 -11.91 4.22 40.52
CA GLU A 194 -12.27 3.09 39.68
C GLU A 194 -12.50 3.55 38.24
N LYS A 195 -13.21 4.68 38.09
CA LYS A 195 -13.46 5.30 36.78
C LYS A 195 -12.16 5.60 36.07
N GLU A 196 -11.15 6.11 36.80
CA GLU A 196 -9.92 6.46 36.10
C GLU A 196 -9.18 5.21 35.69
N ALA A 197 -9.15 4.22 36.58
CA ALA A 197 -8.36 3.04 36.27
C ALA A 197 -8.90 2.38 35.02
N LYS A 198 -10.22 2.42 34.85
CA LYS A 198 -10.86 1.68 33.76
C LYS A 198 -10.35 2.15 32.41
N THR A 199 -10.00 3.44 32.30
CA THR A 199 -9.50 4.00 31.04
C THR A 199 -8.21 3.38 30.58
N TYR A 200 -7.42 2.75 31.45
CA TYR A 200 -6.19 2.11 31.03
C TYR A 200 -6.46 0.77 30.32
N ASN A 201 -7.71 0.30 30.33
CA ASN A 201 -8.06 -0.91 29.59
C ASN A 201 -8.27 -0.64 28.12
N TYR A 202 -8.88 0.51 27.85
CA TYR A 202 -9.00 1.00 26.50
C TYR A 202 -7.69 1.51 25.95
N ASP A 203 -7.54 1.32 24.66
CA ASP A 203 -6.37 1.77 23.93
C ASP A 203 -6.34 3.32 23.87
N ALA A 204 -5.17 3.87 23.59
CA ALA A 204 -5.00 5.30 23.74
C ALA A 204 -4.93 6.06 22.45
N GLN A 205 -5.19 5.42 21.31
CA GLN A 205 -5.38 6.13 20.06
C GLN A 205 -6.82 6.53 19.89
N PHE A 206 -7.03 7.83 19.65
CA PHE A 206 -8.37 8.36 19.45
C PHE A 206 -9.08 7.66 18.30
N HIS A 207 -8.37 7.41 17.20
CA HIS A 207 -9.02 6.88 16.01
C HIS A 207 -9.50 5.47 16.28
N ASP A 208 -8.57 4.58 16.66
CA ASP A 208 -8.96 3.20 16.91
C ASP A 208 -9.96 3.09 18.05
N GLN A 209 -9.70 3.76 19.18
CA GLN A 209 -10.59 3.52 20.31
C GLN A 209 -12.00 3.97 20.00
N LEU A 210 -12.15 4.99 19.17
CA LEU A 210 -13.49 5.43 18.80
C LEU A 210 -14.16 4.49 17.82
N LYS A 211 -13.44 4.06 16.80
CA LYS A 211 -14.08 3.23 15.82
C LYS A 211 -14.53 1.99 16.56
N ALA A 212 -13.66 1.49 17.43
CA ALA A 212 -13.96 0.26 18.13
C ALA A 212 -15.16 0.38 19.04
N ARG A 213 -15.25 1.49 19.74
CA ARG A 213 -16.33 1.68 20.67
C ARG A 213 -17.65 1.66 19.91
N LEU A 214 -17.62 2.21 18.71
CA LEU A 214 -18.80 2.36 17.87
C LEU A 214 -19.35 1.08 17.27
N LEU A 215 -18.60 0.01 17.33
CA LEU A 215 -18.97 -1.22 16.66
C LEU A 215 -20.31 -1.73 17.16
N GLU A 216 -20.60 -1.48 18.43
CA GLU A 216 -21.82 -2.02 18.99
C GLU A 216 -23.03 -1.52 18.25
N HIS A 217 -23.02 -0.24 17.91
CA HIS A 217 -24.19 0.38 17.29
C HIS A 217 -24.17 0.41 15.77
N THR A 218 -23.10 -0.11 15.18
CA THR A 218 -23.05 -0.24 13.73
C THR A 218 -23.29 1.07 12.99
N ILE A 219 -22.68 2.15 13.46
CA ILE A 219 -22.83 3.41 12.80
C ILE A 219 -21.55 3.75 12.06
N PRO A 220 -21.66 3.89 10.66
CA PRO A 220 -20.36 4.17 10.00
C PRO A 220 -19.88 5.59 10.23
N THR A 221 -18.57 5.80 10.20
CA THR A 221 -18.01 7.13 10.37
C THR A 221 -16.73 7.32 9.59
N GLN A 222 -16.41 8.56 9.25
CA GLN A 222 -15.16 8.89 8.60
C GLN A 222 -14.44 9.91 9.45
N ILE A 223 -13.14 9.72 9.63
CA ILE A 223 -12.44 10.50 10.64
C ILE A 223 -11.42 11.34 9.89
N LEU A 224 -11.65 12.65 9.84
CA LEU A 224 -10.77 13.54 9.13
C LEU A 224 -10.25 14.59 10.09
N ARG A 225 -8.96 14.83 10.05
CA ARG A 225 -8.32 15.80 10.92
C ARG A 225 -8.56 17.16 10.36
N GLU A 226 -8.60 18.16 11.23
CA GLU A 226 -8.83 19.50 10.78
C GLU A 226 -7.69 19.83 9.86
N SER A 227 -6.50 19.37 10.21
CA SER A 227 -5.33 19.70 9.43
C SER A 227 -5.44 19.17 8.03
N THR A 228 -5.97 17.97 7.88
CA THR A 228 -6.09 17.40 6.55
C THR A 228 -7.03 18.21 5.69
N LEU A 229 -8.18 18.56 6.24
CA LEU A 229 -9.22 19.23 5.47
C LEU A 229 -8.80 20.60 5.02
N ALA A 230 -8.10 21.34 5.86
CA ALA A 230 -7.64 22.65 5.48
C ALA A 230 -6.18 22.76 5.80
N TRP A 231 -5.40 22.01 5.05
CA TRP A 231 -4.00 21.85 5.33
C TRP A 231 -3.26 23.16 5.21
N ARG A 232 -3.75 24.04 4.35
CA ARG A 232 -3.04 25.28 4.10
C ARG A 232 -2.89 26.08 5.38
N ASP A 233 -3.94 26.06 6.20
CA ASP A 233 -3.94 26.83 7.44
C ASP A 233 -2.95 26.43 8.53
N PHE A 234 -2.69 25.15 8.72
CA PHE A 234 -1.83 24.79 9.82
C PHE A 234 -0.38 24.82 9.41
N LYS A 235 0.37 25.69 10.07
CA LYS A 235 1.72 25.99 9.65
C LYS A 235 2.71 26.11 10.79
N ASN A 236 3.97 25.89 10.45
CA ASN A 236 5.08 26.00 11.37
C ASN A 236 5.40 27.45 11.59
N THR A 237 6.32 27.73 12.52
CA THR A 237 6.63 29.09 12.89
C THR A 237 7.09 29.82 11.66
N PHE A 238 7.78 29.11 10.79
CA PHE A 238 8.28 29.70 9.57
C PHE A 238 7.11 30.14 8.73
N GLY A 239 5.95 29.59 9.00
CA GLY A 239 4.75 29.96 8.29
C GLY A 239 4.50 29.05 7.11
N ALA A 240 5.38 28.07 6.96
CA ALA A 240 5.16 27.03 5.98
C ALA A 240 4.03 26.14 6.46
N PRO A 241 3.25 25.55 5.45
CA PRO A 241 2.22 24.65 5.98
C PRO A 241 2.87 23.40 6.50
N ILE A 242 2.38 22.87 7.61
CA ILE A 242 2.99 21.69 8.19
C ILE A 242 2.89 20.53 7.23
N ARG A 243 1.74 20.38 6.60
CA ARG A 243 1.55 19.31 5.65
C ARG A 243 1.15 19.95 4.35
N ASP A 244 1.83 19.60 3.27
CA ASP A 244 1.58 20.24 1.99
C ASP A 244 0.99 19.28 1.01
N PHE A 245 -0.22 19.57 0.57
CA PHE A 245 -0.90 18.73 -0.39
C PHE A 245 -1.01 19.38 -1.76
N SER A 246 -0.26 20.44 -1.96
CA SER A 246 -0.51 21.28 -3.10
C SER A 246 -0.37 20.49 -4.37
N LYS A 247 0.67 19.67 -4.44
CA LYS A 247 0.89 18.87 -5.61
C LYS A 247 -0.19 17.84 -5.85
N ILE A 248 -0.70 17.27 -4.76
CA ILE A 248 -1.60 16.14 -4.86
C ILE A 248 -3.04 16.44 -4.53
N GLU A 249 -3.40 17.71 -4.57
CA GLU A 249 -4.64 18.13 -3.97
C GLU A 249 -5.85 17.40 -4.52
N GLY A 250 -5.89 17.18 -5.82
CA GLY A 250 -7.01 16.45 -6.38
C GLY A 250 -7.08 15.01 -5.93
N HIS A 251 -5.92 14.38 -5.95
CA HIS A 251 -5.76 13.01 -5.47
C HIS A 251 -6.34 12.84 -4.08
N LEU A 252 -6.08 13.80 -3.18
CA LEU A 252 -6.67 13.74 -1.86
C LEU A 252 -8.18 13.71 -1.92
N ALA A 253 -8.71 14.54 -2.81
CA ALA A 253 -10.13 14.68 -3.02
C ALA A 253 -10.74 13.40 -3.59
N TRP A 254 -10.02 12.76 -4.52
CA TRP A 254 -10.31 11.40 -4.92
C TRP A 254 -10.49 10.47 -3.71
N THR A 255 -9.54 10.53 -2.79
CA THR A 255 -9.54 9.60 -1.67
C THR A 255 -10.74 9.80 -0.78
N ILE A 256 -10.95 11.04 -0.38
CA ILE A 256 -11.94 11.27 0.65
C ILE A 256 -13.30 10.88 0.14
N SER A 257 -13.66 11.45 -1.00
CA SER A 257 -14.92 11.22 -1.66
C SER A 257 -15.19 9.75 -1.85
N THR A 258 -14.25 9.03 -2.46
CA THR A 258 -14.44 7.60 -2.65
C THR A 258 -14.79 6.90 -1.33
N ALA A 259 -13.88 7.02 -0.35
CA ALA A 259 -14.07 6.45 0.97
C ALA A 259 -15.41 6.90 1.58
N ALA A 260 -15.67 8.22 1.54
CA ALA A 260 -17.01 8.73 1.83
C ALA A 260 -18.07 7.92 1.09
N TYR A 261 -17.89 7.73 -0.22
CA TYR A 261 -18.91 7.06 -1.02
C TYR A 261 -19.23 5.66 -0.45
N TYR A 262 -18.20 4.77 -0.42
CA TYR A 262 -18.42 3.41 0.06
C TYR A 262 -19.07 3.41 1.44
N LYS A 263 -18.55 4.21 2.37
CA LYS A 263 -19.16 4.24 3.69
C LYS A 263 -20.63 4.64 3.62
N ALA A 264 -20.95 5.41 2.61
CA ALA A 264 -22.30 5.83 2.34
C ALA A 264 -23.15 4.59 2.11
N GLY A 265 -22.54 3.56 1.55
CA GLY A 265 -23.26 2.32 1.31
C GLY A 265 -23.34 1.80 -0.09
N GLY A 266 -22.69 2.45 -1.03
CA GLY A 266 -22.61 1.90 -2.36
C GLY A 266 -21.17 1.61 -2.72
N LYS A 267 -20.89 0.37 -3.10
CA LYS A 267 -19.52 0.00 -3.40
C LYS A 267 -19.19 0.49 -4.77
N PRO A 268 -18.04 1.31 -4.84
CA PRO A 268 -17.83 1.86 -6.18
C PRO A 268 -17.61 0.83 -7.26
N TRP A 269 -16.87 -0.22 -6.97
CA TRP A 269 -16.52 -1.14 -8.03
C TRP A 269 -16.23 -2.55 -7.55
N LYS A 270 -16.20 -3.47 -8.49
CA LYS A 270 -15.93 -4.86 -8.22
C LYS A 270 -14.98 -5.43 -9.27
N LEU A 271 -14.30 -6.51 -8.94
CA LEU A 271 -13.36 -7.08 -9.88
C LEU A 271 -14.10 -7.52 -11.12
N GLY A 272 -13.51 -7.29 -12.28
CA GLY A 272 -14.17 -7.64 -13.52
C GLY A 272 -14.44 -9.11 -13.75
N ASP A 273 -13.45 -9.96 -13.46
CA ASP A 273 -13.58 -11.39 -13.73
C ASP A 273 -13.22 -12.24 -12.53
N ILE A 274 -14.09 -13.18 -12.19
CA ILE A 274 -13.77 -14.13 -11.15
C ILE A 274 -14.45 -15.45 -11.40
N ARG A 275 -13.82 -16.53 -10.98
CA ARG A 275 -14.49 -17.80 -10.96
C ARG A 275 -15.53 -17.70 -9.86
N PRO A 276 -16.74 -18.38 -10.09
CA PRO A 276 -17.72 -18.21 -9.01
C PRO A 276 -17.44 -19.07 -7.79
N GLY A 277 -18.07 -18.75 -6.67
CA GLY A 277 -17.97 -19.56 -5.47
C GLY A 277 -16.63 -19.53 -4.76
N VAL A 278 -15.72 -18.61 -5.15
CA VAL A 278 -14.41 -18.48 -4.52
C VAL A 278 -14.48 -17.52 -3.35
N CYS A 279 -13.96 -17.97 -2.19
CA CYS A 279 -14.04 -17.29 -0.91
C CYS A 279 -12.64 -17.05 -0.36
N TYR A 280 -12.29 -15.79 -0.11
CA TYR A 280 -10.96 -15.40 0.37
C TYR A 280 -11.04 -14.98 1.84
N LEU A 281 -10.10 -15.46 2.65
CA LEU A 281 -10.21 -15.44 4.12
C LEU A 281 -8.97 -14.86 4.80
N GLY A 282 -9.04 -13.58 5.14
CA GLY A 282 -7.90 -12.87 5.74
C GLY A 282 -7.72 -13.19 7.22
N LEU A 283 -6.55 -13.70 7.58
CA LEU A 283 -6.22 -14.00 8.97
C LEU A 283 -5.45 -12.86 9.62
N VAL A 284 -5.83 -12.56 10.85
CA VAL A 284 -5.32 -11.42 11.59
C VAL A 284 -5.18 -11.81 13.05
N TYR A 285 -4.00 -11.50 13.62
CA TYR A 285 -3.74 -11.62 15.05
C TYR A 285 -3.08 -10.36 15.56
N LYS A 286 -3.37 -10.02 16.81
CA LYS A 286 -2.64 -8.98 17.53
C LYS A 286 -2.31 -9.58 18.88
N LYS A 287 -1.03 -9.80 19.16
CA LYS A 287 -0.63 -10.21 20.49
C LYS A 287 -1.17 -9.22 21.54
N ILE A 288 -1.97 -9.72 22.49
CA ILE A 288 -2.43 -8.89 23.61
C ILE A 288 -1.31 -8.89 24.65
N GLU A 289 -0.45 -7.86 24.58
CA GLU A 289 0.67 -7.69 25.50
C GLU A 289 0.21 -7.44 26.96
N LYS A 290 -1.11 -7.32 27.18
CA LYS A 290 -1.62 -6.90 28.49
C LYS A 290 -1.55 -8.01 29.53
N SER A 291 -1.99 -9.23 29.20
CA SER A 291 -2.26 -10.24 30.23
C SER A 291 -0.98 -10.85 30.79
N LYS A 292 -1.05 -11.31 32.06
CA LYS A 292 0.05 -11.99 32.73
C LYS A 292 0.41 -13.31 32.05
N ASN A 293 -0.46 -13.80 31.19
CA ASN A 293 -0.15 -14.87 30.24
C ASN A 293 0.56 -14.31 29.01
N PRO A 294 1.81 -14.71 28.73
CA PRO A 294 2.57 -14.07 27.63
C PRO A 294 2.20 -14.55 26.24
N GLN A 295 1.37 -15.58 26.14
CA GLN A 295 0.94 -16.07 24.83
C GLN A 295 -0.38 -15.47 24.35
N ASN A 296 -1.10 -14.75 25.21
CA ASN A 296 -2.37 -14.18 24.78
C ASN A 296 -2.22 -13.31 23.55
N ALA A 297 -3.27 -13.32 22.73
CA ALA A 297 -3.39 -12.59 21.47
C ALA A 297 -4.84 -12.65 21.03
N CYS A 298 -5.17 -11.80 20.07
CA CYS A 298 -6.53 -11.75 19.57
C CYS A 298 -6.62 -12.40 18.21
N CYS A 299 -7.83 -12.87 17.90
CA CYS A 299 -8.04 -13.79 16.79
C CYS A 299 -9.03 -13.19 15.80
N ALA A 300 -8.58 -12.90 14.57
CA ALA A 300 -9.46 -12.17 13.66
C ALA A 300 -9.45 -12.78 12.27
N ALA A 301 -10.60 -12.71 11.62
CA ALA A 301 -10.78 -13.26 10.29
C ALA A 301 -11.52 -12.27 9.40
N GLN A 302 -10.94 -11.93 8.23
CA GLN A 302 -11.53 -10.91 7.35
C GLN A 302 -11.83 -11.50 5.96
N MET A 303 -13.09 -11.86 5.74
CA MET A 303 -13.52 -12.53 4.51
C MET A 303 -13.70 -11.59 3.33
N PHE A 304 -13.17 -11.97 2.18
CA PHE A 304 -13.41 -11.21 0.97
C PHE A 304 -13.97 -12.04 -0.16
N LEU A 305 -15.11 -11.63 -0.67
CA LEU A 305 -15.67 -12.18 -1.90
C LEU A 305 -15.16 -11.31 -3.02
N ASP A 306 -15.78 -11.37 -4.18
CA ASP A 306 -15.31 -10.62 -5.33
C ASP A 306 -15.32 -9.11 -5.12
N ASN A 307 -16.32 -8.59 -4.43
CA ASN A 307 -16.48 -7.14 -4.32
C ASN A 307 -15.36 -6.39 -3.63
N GLY A 308 -14.82 -6.94 -2.56
CA GLY A 308 -13.85 -6.21 -1.78
C GLY A 308 -14.49 -5.27 -0.78
N ASP A 309 -15.80 -5.40 -0.59
CA ASP A 309 -16.44 -4.70 0.50
C ASP A 309 -15.88 -5.21 1.79
N GLY A 310 -15.76 -6.53 1.88
CA GLY A 310 -15.19 -7.18 3.05
C GLY A 310 -16.20 -7.57 4.10
N THR A 311 -15.81 -8.49 4.97
CA THR A 311 -16.55 -8.79 6.17
C THR A 311 -15.58 -9.20 7.25
N VAL A 312 -15.89 -8.89 8.50
CA VAL A 312 -14.96 -9.12 9.58
C VAL A 312 -15.56 -9.99 10.66
N PHE A 313 -14.80 -10.99 11.10
CA PHE A 313 -15.29 -11.92 12.10
C PHE A 313 -14.49 -11.85 13.38
N LYS A 314 -15.17 -11.72 14.49
CA LYS A 314 -14.49 -11.57 15.77
C LYS A 314 -14.16 -12.95 16.31
N GLY A 315 -12.89 -13.34 16.24
CA GLY A 315 -12.45 -14.59 16.83
C GLY A 315 -12.14 -14.44 18.32
N GLU A 316 -11.85 -15.58 18.95
CA GLU A 316 -11.73 -15.57 20.40
C GLU A 316 -10.31 -15.32 20.86
N VAL A 317 -10.20 -14.64 22.00
CA VAL A 317 -8.90 -14.24 22.53
C VAL A 317 -8.32 -15.43 23.29
N GLY A 318 -7.14 -15.85 22.88
CA GLY A 318 -6.50 -16.98 23.52
C GLY A 318 -5.02 -17.05 23.22
N PRO A 319 -4.41 -18.15 23.61
CA PRO A 319 -2.95 -18.29 23.56
C PRO A 319 -2.34 -18.57 22.19
N TRP A 320 -2.75 -17.83 21.18
CA TRP A 320 -2.32 -18.14 19.82
C TRP A 320 -0.87 -17.76 19.56
N TYR A 321 -0.17 -17.21 20.53
CA TYR A 321 1.20 -16.76 20.34
C TYR A 321 2.19 -17.80 20.84
N ASN A 322 3.26 -18.00 20.08
CA ASN A 322 4.42 -18.77 20.56
C ASN A 322 5.66 -17.88 20.42
N PRO A 323 6.09 -17.23 21.51
CA PRO A 323 7.13 -16.20 21.40
C PRO A 323 8.45 -16.74 20.92
N GLU A 324 8.65 -18.04 21.16
CA GLU A 324 9.86 -18.71 20.71
C GLU A 324 9.91 -18.76 19.19
N LYS A 325 8.89 -19.36 18.56
CA LYS A 325 8.82 -19.31 17.12
C LYS A 325 8.57 -17.88 16.66
N GLY A 326 7.86 -17.10 17.46
CA GLY A 326 7.50 -15.75 17.09
C GLY A 326 6.28 -15.64 16.22
N GLU A 327 5.66 -16.74 15.83
CA GLU A 327 4.48 -16.71 14.98
C GLU A 327 3.23 -16.92 15.83
N TYR A 328 2.09 -16.95 15.15
CA TYR A 328 0.81 -17.20 15.77
C TYR A 328 0.13 -18.38 15.09
N HIS A 329 -0.51 -19.24 15.87
CA HIS A 329 -1.19 -20.44 15.39
C HIS A 329 -2.38 -20.69 16.30
N LEU A 330 -3.27 -21.56 15.86
CA LEU A 330 -4.55 -21.71 16.49
C LEU A 330 -4.80 -23.08 17.07
N LYS A 331 -5.30 -23.11 18.30
CA LYS A 331 -5.74 -24.34 18.91
C LYS A 331 -6.91 -24.79 18.08
N PRO A 332 -7.06 -26.18 17.98
CA PRO A 332 -8.09 -26.58 16.99
C PRO A 332 -9.47 -26.05 17.32
N LYS A 333 -9.84 -25.99 18.58
CA LYS A 333 -11.22 -25.71 18.92
C LYS A 333 -11.63 -24.39 18.32
N GLU A 334 -10.78 -23.37 18.42
CA GLU A 334 -11.10 -22.08 17.85
C GLU A 334 -11.20 -22.14 16.34
N ALA A 335 -10.33 -22.92 15.73
CA ALA A 335 -10.29 -22.94 14.29
C ALA A 335 -11.62 -23.41 13.77
N LYS A 336 -12.22 -24.37 14.46
CA LYS A 336 -13.48 -24.90 13.99
C LYS A 336 -14.53 -23.81 13.94
N ALA A 337 -14.58 -23.00 14.99
CA ALA A 337 -15.62 -21.99 15.09
C ALA A 337 -15.53 -20.94 14.00
N LEU A 338 -14.33 -20.48 13.71
CA LEU A 338 -14.19 -19.35 12.81
C LEU A 338 -14.73 -19.70 11.45
N LEU A 339 -14.37 -20.85 10.94
CA LEU A 339 -14.85 -21.24 9.62
C LEU A 339 -16.34 -21.39 9.70
N THR A 340 -16.79 -21.97 10.80
CA THR A 340 -18.20 -22.21 10.97
C THR A 340 -18.86 -20.87 10.94
N GLN A 341 -18.23 -19.91 11.62
CA GLN A 341 -18.74 -18.57 11.62
C GLN A 341 -18.68 -18.08 10.20
N ALA A 342 -17.61 -18.46 9.52
CA ALA A 342 -17.30 -17.87 8.21
C ALA A 342 -18.15 -18.45 7.07
N LEU A 343 -18.23 -19.78 7.01
CA LEU A 343 -19.01 -20.43 5.96
C LEU A 343 -20.50 -20.19 6.19
N GLU A 344 -20.96 -20.26 7.44
CA GLU A 344 -22.35 -19.94 7.76
C GLU A 344 -22.71 -18.52 7.37
N SER A 345 -21.74 -17.61 7.32
CA SER A 345 -21.98 -16.31 6.71
C SER A 345 -22.07 -16.43 5.19
N TYR A 346 -21.24 -17.27 4.61
CA TYR A 346 -21.25 -17.42 3.18
C TYR A 346 -22.54 -18.04 2.71
N LYS A 347 -22.97 -19.07 3.42
CA LYS A 347 -24.19 -19.77 3.04
C LYS A 347 -25.34 -18.80 3.14
N GLU A 348 -25.35 -18.03 4.21
CA GLU A 348 -26.41 -17.06 4.36
C GLU A 348 -26.28 -16.07 3.23
N GLN A 349 -25.05 -15.70 2.90
CA GLN A 349 -24.83 -14.78 1.80
C GLN A 349 -25.27 -15.32 0.46
N ASN A 350 -24.96 -16.58 0.18
CA ASN A 350 -25.26 -17.13 -1.14
C ASN A 350 -26.16 -18.36 -1.20
N LYS A 351 -26.52 -18.89 -0.05
CA LYS A 351 -27.46 -20.00 -0.01
C LYS A 351 -26.77 -21.31 -0.39
N SER A 352 -25.47 -21.22 -0.64
CA SER A 352 -24.68 -22.42 -0.84
C SER A 352 -23.24 -22.20 -0.40
N TYR A 353 -22.59 -23.26 0.05
CA TYR A 353 -21.21 -23.15 0.49
C TYR A 353 -20.29 -22.91 -0.69
N PRO A 354 -19.18 -22.09 -0.43
CA PRO A 354 -18.38 -21.82 -1.63
C PRO A 354 -17.67 -23.08 -2.06
N LYS A 355 -17.48 -23.23 -3.36
CA LYS A 355 -16.70 -24.34 -3.84
C LYS A 355 -15.26 -24.22 -3.35
N GLU A 356 -14.73 -23.00 -3.41
CA GLU A 356 -13.33 -22.80 -3.15
C GLU A 356 -13.06 -21.80 -2.03
N VAL A 357 -12.13 -22.16 -1.15
CA VAL A 357 -11.70 -21.26 -0.10
C VAL A 357 -10.18 -21.10 -0.08
N PHE A 358 -9.73 -19.86 -0.01
CA PHE A 358 -8.31 -19.59 0.13
C PHE A 358 -8.09 -18.85 1.41
N ILE A 359 -7.12 -19.29 2.20
CA ILE A 359 -6.81 -18.60 3.42
C ILE A 359 -5.45 -17.97 3.32
N HIS A 360 -5.34 -16.75 3.80
CA HIS A 360 -4.12 -16.00 3.67
C HIS A 360 -3.53 -15.63 5.02
N ALA A 361 -2.22 -15.78 5.13
CA ALA A 361 -1.46 -15.25 6.27
C ALA A 361 0.00 -15.11 5.84
N ARG A 362 0.85 -14.73 6.81
CA ARG A 362 2.27 -14.47 6.61
C ARG A 362 3.18 -15.51 7.26
N THR A 363 2.61 -16.43 8.05
CA THR A 363 3.32 -17.54 8.66
C THR A 363 2.75 -18.86 8.14
N ARG A 364 3.61 -19.71 7.60
CA ARG A 364 3.25 -21.09 7.29
C ARG A 364 2.38 -21.67 8.40
N PHE A 365 1.26 -22.25 8.03
CA PHE A 365 0.35 -22.82 9.01
C PHE A 365 0.99 -24.04 9.68
N ASN A 366 0.67 -24.23 10.95
CA ASN A 366 1.03 -25.51 11.53
C ASN A 366 0.08 -26.55 10.98
N ASP A 367 0.44 -27.81 11.21
CA ASP A 367 -0.37 -28.89 10.72
C ASP A 367 -1.63 -29.10 11.54
N GLU A 368 -1.57 -28.84 12.84
CA GLU A 368 -2.69 -29.26 13.67
C GLU A 368 -3.88 -28.32 13.57
N GLU A 369 -3.62 -27.01 13.61
CA GLU A 369 -4.69 -26.05 13.37
C GLU A 369 -5.32 -26.31 12.00
N TRP A 370 -4.50 -26.72 11.04
CA TRP A 370 -4.94 -26.78 9.66
C TRP A 370 -5.99 -27.86 9.45
N ASN A 371 -5.88 -28.98 10.16
CA ASN A 371 -6.85 -30.04 9.99
C ASN A 371 -8.08 -29.82 10.84
N ALA A 372 -7.98 -28.97 11.85
CA ALA A 372 -9.18 -28.46 12.49
C ALA A 372 -10.08 -27.75 11.49
N PHE A 373 -9.51 -27.32 10.36
CA PHE A 373 -10.28 -26.72 9.27
C PHE A 373 -11.05 -27.78 8.47
N ASN A 374 -10.36 -28.81 7.97
CA ASN A 374 -11.04 -29.88 7.25
C ASN A 374 -12.28 -30.38 7.98
N GLU A 375 -12.25 -30.36 9.31
CA GLU A 375 -13.34 -30.89 10.12
C GLU A 375 -14.57 -29.97 10.15
N VAL A 376 -14.49 -28.77 9.55
CA VAL A 376 -15.68 -27.98 9.26
C VAL A 376 -15.85 -27.71 7.77
N THR A 377 -14.77 -27.80 6.99
CA THR A 377 -14.81 -27.77 5.54
C THR A 377 -15.71 -28.89 5.03
N PRO A 378 -16.77 -28.57 4.30
CA PRO A 378 -17.60 -29.63 3.70
C PRO A 378 -16.84 -30.38 2.61
N LYS A 379 -17.22 -31.64 2.43
CA LYS A 379 -16.43 -32.55 1.61
C LYS A 379 -16.19 -31.98 0.21
N ASN A 380 -17.21 -31.34 -0.39
CA ASN A 380 -17.17 -30.82 -1.76
C ASN A 380 -16.29 -29.57 -1.93
N THR A 381 -15.56 -29.13 -0.89
CA THR A 381 -14.93 -27.82 -0.88
C THR A 381 -13.41 -28.00 -0.86
N ASN A 382 -12.75 -27.49 -1.90
CA ASN A 382 -11.30 -27.31 -1.84
C ASN A 382 -11.02 -26.25 -0.79
N LEU A 383 -9.93 -26.43 -0.02
CA LEU A 383 -9.54 -25.57 1.11
C LEU A 383 -8.03 -25.32 1.10
N VAL A 384 -7.59 -24.28 0.42
CA VAL A 384 -6.16 -24.00 0.22
C VAL A 384 -5.65 -23.02 1.27
N GLY A 385 -4.35 -23.12 1.58
CA GLY A 385 -3.76 -22.22 2.56
C GLY A 385 -2.53 -21.53 2.00
N VAL A 386 -2.52 -20.21 1.99
CA VAL A 386 -1.52 -19.48 1.23
C VAL A 386 -0.70 -18.65 2.19
N THR A 387 0.62 -18.80 2.14
CA THR A 387 1.54 -17.93 2.85
C THR A 387 2.05 -16.85 1.92
N ILE A 388 1.76 -15.61 2.28
CA ILE A 388 2.20 -14.46 1.53
C ILE A 388 3.10 -13.61 2.39
N THR A 389 4.27 -13.26 1.87
CA THR A 389 5.16 -12.40 2.60
C THR A 389 5.88 -11.42 1.71
N LYS A 390 6.16 -10.27 2.28
CA LYS A 390 6.96 -9.26 1.64
C LYS A 390 8.41 -9.57 1.94
N SER A 391 8.90 -10.66 1.36
CA SER A 391 10.26 -11.08 1.65
C SER A 391 11.14 -9.97 1.18
N LYS A 392 12.15 -9.66 1.97
CA LYS A 392 13.04 -8.57 1.62
C LYS A 392 14.29 -9.10 0.96
N PRO A 393 14.29 -10.48 0.70
CA PRO A 393 15.62 -11.00 0.37
C PRO A 393 15.90 -10.97 -1.10
N LEU A 394 14.88 -10.73 -1.90
CA LEU A 394 15.05 -10.80 -3.33
C LEU A 394 14.72 -9.47 -3.99
N LYS A 395 15.57 -9.04 -4.90
CA LYS A 395 15.33 -7.79 -5.60
C LYS A 395 15.81 -7.88 -7.03
N LEU A 396 15.08 -7.19 -7.91
CA LEU A 396 15.34 -7.18 -9.35
C LEU A 396 15.62 -5.78 -9.84
N TYR A 397 16.80 -5.61 -10.42
CA TYR A 397 17.35 -4.35 -10.85
C TYR A 397 17.41 -4.30 -12.36
N LYS A 398 17.42 -3.10 -12.91
CA LYS A 398 17.38 -2.96 -14.35
C LYS A 398 18.74 -2.50 -14.82
N THR A 399 19.17 -3.09 -15.93
CA THR A 399 20.56 -2.97 -16.35
C THR A 399 20.92 -1.53 -16.74
N GLU A 400 19.95 -0.75 -17.19
CA GLU A 400 20.21 0.62 -17.65
C GLU A 400 19.12 1.52 -17.13
N GLY A 401 19.46 2.79 -16.94
CA GLY A 401 18.45 3.77 -16.59
C GLY A 401 17.87 3.59 -15.20
N ALA A 402 16.93 4.48 -14.88
CA ALA A 402 16.57 4.70 -13.49
C ALA A 402 15.18 4.19 -13.13
N PHE A 403 14.53 3.47 -13.99
CA PHE A 403 13.19 3.02 -13.64
C PHE A 403 13.20 1.54 -13.32
N PRO A 404 12.36 1.10 -12.41
CA PRO A 404 12.37 -0.30 -11.98
C PRO A 404 11.78 -1.27 -12.98
N ILE A 405 11.62 -2.53 -12.61
CA ILE A 405 10.86 -3.41 -13.47
C ILE A 405 9.39 -3.08 -13.35
N MET A 406 8.63 -3.36 -14.41
CA MET A 406 7.21 -3.07 -14.33
C MET A 406 6.46 -4.10 -13.52
N ARG A 407 5.54 -3.60 -12.71
CA ARG A 407 4.64 -4.45 -11.93
C ARG A 407 4.10 -5.54 -12.83
N GLY A 408 3.77 -6.69 -12.23
CA GLY A 408 3.14 -7.78 -12.92
C GLY A 408 4.08 -8.88 -13.39
N ASN A 409 5.40 -8.61 -13.56
CA ASN A 409 6.36 -9.68 -13.73
C ASN A 409 6.25 -10.66 -12.57
N ALA A 410 6.71 -11.88 -12.81
CA ALA A 410 6.60 -12.88 -11.77
C ALA A 410 7.66 -13.96 -11.98
N TYR A 411 8.31 -14.34 -10.87
CA TYR A 411 9.22 -15.47 -10.81
C TYR A 411 8.54 -16.63 -10.10
N ILE A 412 8.24 -17.69 -10.86
CA ILE A 412 7.66 -18.89 -10.28
C ILE A 412 8.80 -19.81 -9.88
N VAL A 413 9.08 -19.87 -8.58
CA VAL A 413 10.15 -20.73 -8.07
C VAL A 413 9.88 -22.18 -8.41
N ASP A 414 8.75 -22.70 -7.93
CA ASP A 414 8.23 -24.03 -8.24
C ASP A 414 6.70 -23.97 -8.16
N GLU A 415 6.07 -25.11 -8.42
CA GLU A 415 4.61 -25.18 -8.57
C GLU A 415 3.84 -24.95 -7.25
N LYS A 416 4.54 -24.69 -6.15
CA LYS A 416 3.87 -24.24 -4.93
C LYS A 416 4.39 -22.92 -4.36
N LYS A 417 5.44 -22.35 -4.93
CA LYS A 417 6.04 -21.14 -4.40
C LYS A 417 6.41 -20.24 -5.58
N ALA A 418 6.13 -18.94 -5.47
CA ALA A 418 6.45 -18.02 -6.57
C ALA A 418 6.52 -16.58 -6.08
N PHE A 419 7.15 -15.74 -6.90
CA PHE A 419 7.43 -14.35 -6.58
C PHE A 419 6.62 -13.43 -7.50
N LEU A 420 5.94 -12.44 -6.91
CA LEU A 420 5.01 -11.55 -7.61
C LEU A 420 5.34 -10.07 -7.39
N TRP A 421 5.41 -9.31 -8.47
CA TRP A 421 5.82 -7.91 -8.37
C TRP A 421 4.60 -6.99 -8.30
N THR A 422 3.84 -7.11 -7.19
CA THR A 422 2.79 -6.13 -6.94
C THR A 422 3.30 -4.69 -7.01
N LEU A 423 4.54 -4.44 -6.58
CA LEU A 423 5.11 -3.10 -6.67
C LEU A 423 5.80 -2.89 -8.01
N GLY A 424 6.37 -1.69 -8.22
CA GLY A 424 7.20 -1.48 -9.39
C GLY A 424 6.70 -0.37 -10.30
N PHE A 425 7.10 -0.41 -11.58
CA PHE A 425 6.68 0.58 -12.57
C PHE A 425 5.34 0.21 -13.18
N VAL A 426 4.54 1.21 -13.51
CA VAL A 426 3.30 1.03 -14.26
C VAL A 426 3.38 1.87 -15.50
N PRO A 427 3.20 1.30 -16.70
CA PRO A 427 3.27 2.12 -17.93
C PRO A 427 2.06 3.02 -18.07
N LYS A 428 0.88 2.49 -17.74
CA LYS A 428 -0.34 3.26 -17.65
C LYS A 428 -0.13 4.54 -16.87
N LEU A 429 0.70 4.53 -15.82
CA LEU A 429 0.89 5.75 -15.03
C LEU A 429 2.18 6.49 -15.37
N GLN A 430 3.03 5.91 -16.22
CA GLN A 430 4.30 6.50 -16.63
C GLN A 430 5.11 7.10 -15.47
N SER A 431 5.08 6.38 -14.34
CA SER A 431 5.87 6.55 -13.11
C SER A 431 5.56 5.33 -12.21
N THR A 432 6.26 5.25 -11.06
CA THR A 432 6.45 4.07 -10.20
C THR A 432 5.54 4.09 -8.99
N LEU A 433 5.59 3.04 -8.16
CA LEU A 433 4.79 3.01 -6.93
C LEU A 433 5.58 3.00 -5.60
N SER A 434 6.91 3.06 -5.61
CA SER A 434 7.70 3.30 -4.40
C SER A 434 8.96 4.03 -4.81
N MET A 435 9.55 4.78 -3.87
CA MET A 435 10.79 5.49 -4.22
C MET A 435 12.01 4.56 -4.22
N GLU A 436 12.01 3.57 -3.35
CA GLU A 436 13.11 2.63 -3.47
C GLU A 436 12.75 1.58 -4.52
N VAL A 437 13.77 0.95 -5.12
CA VAL A 437 13.64 -0.24 -5.97
C VAL A 437 12.71 -1.29 -5.37
N PRO A 438 11.79 -1.84 -6.15
CA PRO A 438 10.63 -2.48 -5.55
C PRO A 438 10.99 -3.83 -4.96
N ASN A 439 10.13 -4.29 -4.09
CA ASN A 439 10.38 -5.53 -3.39
C ASN A 439 9.28 -6.54 -3.66
N PRO A 440 9.54 -7.56 -4.46
CA PRO A 440 8.50 -8.55 -4.75
C PRO A 440 7.99 -9.23 -3.51
N ILE A 441 6.94 -9.98 -3.70
CA ILE A 441 6.34 -10.70 -2.60
C ILE A 441 6.46 -12.18 -2.90
N PHE A 442 6.31 -12.97 -1.87
CA PHE A 442 6.52 -14.40 -1.97
C PHE A 442 5.22 -15.12 -1.68
N ILE A 443 4.80 -15.94 -2.63
CA ILE A 443 3.56 -16.68 -2.48
C ILE A 443 3.89 -18.16 -2.44
N GLU A 444 3.41 -18.80 -1.40
CA GLU A 444 3.56 -20.21 -1.21
C GLU A 444 2.20 -20.78 -0.89
N ILE A 445 1.95 -22.01 -1.30
CA ILE A 445 0.78 -22.69 -0.80
C ILE A 445 1.21 -23.60 0.33
N ASN A 446 1.06 -23.14 1.56
CA ASN A 446 1.46 -23.90 2.73
C ASN A 446 0.67 -25.17 2.97
N LYS A 447 -0.63 -25.08 2.77
CA LYS A 447 -1.51 -26.22 2.99
C LYS A 447 -2.50 -26.34 1.85
N GLY A 448 -2.89 -27.56 1.54
CA GLY A 448 -3.85 -27.81 0.50
C GLY A 448 -3.14 -27.81 -0.84
N GLU A 449 -3.89 -28.13 -1.89
CA GLU A 449 -3.32 -28.20 -3.22
C GLU A 449 -4.08 -27.30 -4.16
N ALA A 450 -3.37 -26.46 -4.89
CA ALA A 450 -3.99 -25.62 -5.90
C ALA A 450 -2.97 -25.11 -6.90
N GLU A 451 -3.46 -24.63 -8.04
CA GLU A 451 -2.56 -24.14 -9.06
C GLU A 451 -1.81 -22.95 -8.55
N ILE A 452 -0.52 -22.86 -8.87
CA ILE A 452 0.26 -21.69 -8.45
C ILE A 452 -0.13 -20.47 -9.26
N GLN A 453 -0.07 -20.59 -10.59
CA GLN A 453 -0.20 -19.42 -11.45
C GLN A 453 -1.58 -18.80 -11.35
N GLN A 454 -2.64 -19.61 -11.17
CA GLN A 454 -3.95 -19.01 -10.98
C GLN A 454 -3.95 -18.11 -9.76
N VAL A 455 -3.33 -18.58 -8.66
CA VAL A 455 -3.39 -17.85 -7.39
C VAL A 455 -2.58 -16.57 -7.47
N LEU A 456 -1.48 -16.55 -8.24
CA LEU A 456 -0.81 -15.29 -8.50
C LEU A 456 -1.76 -14.29 -9.16
N LYS A 457 -2.46 -14.72 -10.21
CA LYS A 457 -3.54 -13.90 -10.76
C LYS A 457 -4.59 -13.57 -9.69
N ASP A 458 -5.14 -14.59 -9.01
CA ASP A 458 -6.04 -14.38 -7.85
C ASP A 458 -5.63 -13.23 -6.93
N ILE A 459 -4.35 -13.12 -6.65
CA ILE A 459 -3.89 -12.22 -5.60
C ILE A 459 -3.66 -10.82 -6.15
N LEU A 460 -2.93 -10.72 -7.28
CA LEU A 460 -2.78 -9.45 -7.99
C LEU A 460 -4.10 -8.73 -8.09
N ALA A 461 -5.18 -9.48 -8.33
CA ALA A 461 -6.51 -8.91 -8.37
C ALA A 461 -6.91 -8.35 -7.02
N LEU A 462 -6.66 -9.06 -5.94
CA LEU A 462 -7.03 -8.52 -4.64
C LEU A 462 -6.31 -7.18 -4.35
N THR A 463 -5.24 -6.86 -5.09
CA THR A 463 -4.61 -5.57 -4.89
C THR A 463 -5.50 -4.42 -5.36
N LYS A 464 -6.33 -4.67 -6.40
CA LYS A 464 -7.14 -3.62 -7.02
C LYS A 464 -8.26 -3.12 -6.15
N LEU A 465 -8.62 -3.86 -5.13
CA LEU A 465 -9.94 -3.78 -4.55
C LEU A 465 -9.94 -2.98 -3.20
N ASN A 466 -9.10 -1.96 -3.08
CA ASN A 466 -9.08 -1.11 -1.88
C ASN A 466 -10.07 0.06 -2.05
N TYR A 467 -11.22 0.00 -1.37
CA TYR A 467 -12.10 1.16 -1.48
C TYR A 467 -11.51 2.32 -0.69
N ASN A 468 -11.00 2.03 0.49
CA ASN A 468 -10.70 3.07 1.44
C ASN A 468 -9.73 4.03 0.80
N ALA A 469 -8.81 3.51 0.01
CA ALA A 469 -7.93 4.38 -0.73
C ALA A 469 -8.20 4.17 -2.19
N CYS A 470 -8.31 5.27 -2.92
CA CYS A 470 -8.57 5.15 -4.34
C CYS A 470 -7.24 5.28 -5.03
N ILE A 471 -6.76 4.17 -5.58
CA ILE A 471 -5.45 4.12 -6.21
C ILE A 471 -5.38 2.98 -7.19
N TYR A 472 -4.38 2.99 -8.05
CA TYR A 472 -4.36 2.02 -9.12
C TYR A 472 -4.34 0.63 -8.54
N ALA A 473 -3.50 0.41 -7.54
CA ALA A 473 -3.46 -0.88 -6.87
C ALA A 473 -2.74 -0.75 -5.55
N ASP A 474 -2.94 -1.72 -4.68
CA ASP A 474 -2.26 -1.74 -3.38
C ASP A 474 -1.27 -2.87 -3.42
N GLY A 475 -0.15 -2.73 -2.72
CA GLY A 475 0.89 -3.75 -2.78
C GLY A 475 0.54 -5.08 -2.15
N GLU A 476 -0.18 -5.02 -1.05
CA GLU A 476 -0.76 -6.23 -0.47
C GLU A 476 -2.12 -6.48 -1.07
N PRO A 477 -2.51 -7.73 -1.13
CA PRO A 477 -3.89 -8.07 -1.43
C PRO A 477 -4.71 -7.52 -0.30
N VAL A 478 -5.96 -7.20 -0.57
CA VAL A 478 -6.78 -6.47 0.37
C VAL A 478 -6.99 -7.25 1.64
N THR A 479 -6.77 -8.54 1.57
CA THR A 479 -7.07 -9.38 2.71
C THR A 479 -6.25 -8.95 3.91
N LEU A 480 -4.98 -8.64 3.67
CA LEU A 480 -4.08 -8.36 4.78
C LEU A 480 -3.65 -6.91 4.94
N ARG A 481 -4.09 -6.04 4.05
CA ARG A 481 -3.56 -4.70 4.02
C ARG A 481 -3.84 -4.08 5.34
N PHE A 482 -5.00 -4.40 5.86
CA PHE A 482 -5.50 -3.75 7.05
C PHE A 482 -5.38 -4.61 8.28
N ALA A 483 -4.54 -5.63 8.20
CA ALA A 483 -4.56 -6.64 9.21
C ALA A 483 -4.28 -6.05 10.57
N ASN A 484 -3.26 -5.22 10.68
CA ASN A 484 -2.98 -4.62 11.97
C ASN A 484 -4.08 -3.69 12.41
N LYS A 485 -4.57 -2.90 11.47
CA LYS A 485 -5.51 -1.86 11.83
C LYS A 485 -6.72 -2.52 12.43
N ILE A 486 -7.15 -3.62 11.83
CA ILE A 486 -8.24 -4.35 12.40
C ILE A 486 -7.80 -4.89 13.74
N GLY A 487 -6.59 -5.42 13.80
CA GLY A 487 -6.09 -5.91 15.05
C GLY A 487 -6.27 -4.88 16.15
N GLU A 488 -5.79 -3.67 15.84
CA GLU A 488 -5.81 -2.63 16.83
C GLU A 488 -7.22 -2.24 17.23
N ILE A 489 -8.19 -2.44 16.35
CA ILE A 489 -9.53 -2.03 16.76
C ILE A 489 -10.15 -3.06 17.68
N LEU A 490 -9.92 -4.35 17.41
CA LEU A 490 -10.48 -5.35 18.30
C LEU A 490 -9.94 -5.21 19.71
N THR A 491 -8.61 -5.09 19.82
CA THR A 491 -7.97 -4.95 21.13
C THR A 491 -8.32 -3.64 21.84
N ALA A 492 -8.80 -2.65 21.09
CA ALA A 492 -9.07 -1.34 21.63
C ALA A 492 -10.16 -1.33 22.69
N SER A 493 -11.20 -2.12 22.50
CA SER A 493 -12.36 -2.11 23.39
C SER A 493 -12.44 -3.34 24.27
N THR A 494 -13.13 -3.21 25.39
CA THR A 494 -13.19 -4.25 26.39
C THR A 494 -13.80 -5.58 26.00
N GLU A 495 -14.95 -5.57 25.36
CA GLU A 495 -15.66 -6.84 25.14
C GLU A 495 -16.00 -7.13 23.69
N ILE A 496 -15.41 -8.21 23.18
CA ILE A 496 -15.69 -8.64 21.82
C ILE A 496 -16.85 -9.60 21.76
N LYS A 497 -18.05 -9.09 22.01
CA LYS A 497 -19.25 -9.86 21.78
C LYS A 497 -19.76 -9.60 20.37
N THR A 498 -19.03 -8.78 19.62
CA THR A 498 -19.54 -8.21 18.40
C THR A 498 -19.84 -9.25 17.35
N PRO A 499 -21.08 -9.04 16.73
CA PRO A 499 -21.34 -10.01 15.65
C PRO A 499 -20.54 -9.63 14.45
N PRO A 500 -20.44 -10.60 13.43
CA PRO A 500 -19.63 -10.14 12.29
C PRO A 500 -20.26 -8.92 11.70
N LEU A 501 -19.44 -7.96 11.28
CA LEU A 501 -19.93 -6.70 10.76
C LEU A 501 -19.24 -6.32 9.48
N ALA A 502 -19.90 -5.48 8.69
CA ALA A 502 -19.37 -5.14 7.38
C ALA A 502 -18.07 -4.37 7.52
N PHE A 503 -17.23 -4.48 6.50
CA PHE A 503 -15.86 -4.02 6.60
C PHE A 503 -15.75 -2.50 6.75
N LYS A 504 -16.76 -1.77 6.27
CA LYS A 504 -16.70 -0.31 6.27
C LYS A 504 -16.84 0.15 7.71
N TYR A 505 -17.08 -0.78 8.62
CA TYR A 505 -17.13 -0.38 10.01
C TYR A 505 -15.78 -0.35 10.71
N TYR A 506 -14.66 -0.42 9.97
CA TYR A 506 -13.34 -0.46 10.58
C TYR A 506 -12.38 0.61 10.04
N ILE A 507 -12.87 1.56 9.22
CA ILE A 507 -11.90 2.43 8.51
C ILE A 507 -12.08 4.01 8.54
N MET B 1 -25.91 12.05 -44.24
CA MET B 1 -26.49 13.16 -43.48
C MET B 1 -25.45 13.80 -42.53
N ARG B 2 -25.85 14.85 -41.83
CA ARG B 2 -24.98 15.41 -40.80
C ARG B 2 -25.59 15.25 -39.43
N ASN B 3 -24.90 14.48 -38.58
CA ASN B 3 -25.28 14.31 -37.18
C ASN B 3 -24.13 14.59 -36.23
N LYS B 4 -22.94 14.81 -36.79
CA LYS B 4 -21.72 14.89 -36.01
C LYS B 4 -21.57 16.15 -35.16
N ILE B 5 -20.84 16.02 -34.07
CA ILE B 5 -20.56 17.12 -33.13
C ILE B 5 -19.08 17.47 -33.04
N PHE B 6 -18.77 18.74 -33.28
CA PHE B 6 -17.38 19.20 -33.27
C PHE B 6 -17.09 19.97 -31.98
N ILE B 7 -15.82 19.98 -31.62
CA ILE B 7 -15.36 20.69 -30.43
C ILE B 7 -14.02 21.33 -30.76
N SER B 8 -13.75 22.48 -30.17
CA SER B 8 -12.45 23.09 -30.39
C SER B 8 -11.68 22.98 -29.10
N HIS B 9 -10.55 22.31 -29.14
CA HIS B 9 -9.76 22.14 -27.93
C HIS B 9 -8.49 22.93 -28.02
N ALA B 10 -8.32 23.91 -27.14
CA ALA B 10 -7.06 24.59 -27.05
C ALA B 10 -6.12 23.52 -26.55
N THR B 11 -4.89 23.52 -27.03
CA THR B 11 -3.95 22.50 -26.59
C THR B 11 -2.60 23.08 -26.18
N PRO B 12 -1.87 22.51 -25.10
CA PRO B 12 -2.46 21.30 -24.49
C PRO B 12 -3.30 21.66 -23.30
N GLU B 13 -3.43 22.95 -23.07
CA GLU B 13 -3.79 23.48 -21.77
C GLU B 13 -5.12 22.98 -21.27
N ASP B 14 -6.12 22.89 -22.13
CA ASP B 14 -7.41 22.47 -21.62
C ASP B 14 -7.73 21.04 -22.01
N ASP B 15 -6.67 20.24 -22.19
CA ASP B 15 -6.84 18.88 -22.69
C ASP B 15 -7.62 18.03 -21.71
N ASP B 16 -7.47 18.29 -20.41
CA ASP B 16 -8.13 17.50 -19.38
C ASP B 16 -9.65 17.57 -19.53
N PHE B 17 -10.24 18.74 -19.37
CA PHE B 17 -11.69 18.76 -19.41
C PHE B 17 -12.05 18.24 -20.77
N THR B 18 -11.29 18.68 -21.75
CA THR B 18 -11.64 18.48 -23.12
C THR B 18 -11.75 17.01 -23.32
N ARG B 19 -10.81 16.29 -22.74
CA ARG B 19 -10.83 14.85 -22.81
C ARG B 19 -12.06 14.31 -22.13
N TRP B 20 -12.39 14.86 -20.98
CA TRP B 20 -13.44 14.28 -20.18
C TRP B 20 -14.74 14.35 -20.93
N LEU B 21 -14.99 15.49 -21.54
CA LEU B 21 -16.31 15.77 -22.03
C LEU B 21 -16.74 14.81 -23.10
N SER B 22 -15.83 14.57 -24.03
CA SER B 22 -16.22 13.92 -25.24
C SER B 22 -16.76 12.54 -24.95
N LEU B 23 -16.07 11.81 -24.09
CA LEU B 23 -16.43 10.43 -23.87
C LEU B 23 -17.80 10.24 -23.26
N LYS B 24 -18.18 11.13 -22.37
CA LYS B 24 -19.47 11.00 -21.73
C LYS B 24 -20.55 11.05 -22.77
N LEU B 25 -20.42 11.96 -23.72
CA LEU B 25 -21.42 12.07 -24.75
C LEU B 25 -21.47 10.80 -25.54
N ILE B 26 -20.29 10.30 -25.86
CA ILE B 26 -20.15 9.21 -26.78
C ILE B 26 -20.79 7.91 -26.31
N GLY B 27 -20.67 7.60 -25.04
CA GLY B 27 -21.22 6.37 -24.52
C GLY B 27 -22.72 6.36 -24.69
N LEU B 28 -23.32 7.52 -24.45
CA LEU B 28 -24.76 7.64 -24.48
C LEU B 28 -25.27 7.33 -25.86
N GLY B 29 -24.56 7.77 -26.88
CA GLY B 29 -25.00 7.57 -28.23
C GLY B 29 -24.85 8.76 -29.14
N TYR B 30 -24.03 9.72 -28.76
CA TYR B 30 -23.92 10.91 -29.56
C TYR B 30 -22.63 10.84 -30.34
N GLU B 31 -22.73 10.81 -31.65
CA GLU B 31 -21.54 10.78 -32.46
C GLU B 31 -20.82 12.07 -32.19
N VAL B 32 -19.50 12.01 -32.12
CA VAL B 32 -18.75 13.22 -31.84
C VAL B 32 -17.48 13.27 -32.62
N TRP B 33 -17.01 14.47 -32.90
CA TRP B 33 -15.72 14.61 -33.53
C TRP B 33 -14.87 15.65 -32.82
N CYS B 34 -13.65 15.26 -32.43
CA CYS B 34 -12.65 16.21 -31.97
C CYS B 34 -11.25 15.70 -32.28
N ASP B 35 -10.31 16.62 -32.47
CA ASP B 35 -8.97 16.21 -32.88
C ASP B 35 -8.29 15.35 -31.85
N ILE B 36 -8.46 15.69 -30.59
CA ILE B 36 -7.84 14.90 -29.54
C ILE B 36 -8.24 13.44 -29.65
N LEU B 37 -9.29 13.14 -30.38
CA LEU B 37 -9.61 11.74 -30.58
C LEU B 37 -8.75 11.07 -31.67
N PHE B 38 -7.94 11.83 -32.40
CA PHE B 38 -7.07 11.23 -33.41
C PHE B 38 -5.69 11.86 -33.34
N LEU B 39 -4.66 11.01 -33.39
CA LEU B 39 -3.32 11.48 -33.66
C LEU B 39 -3.16 11.61 -35.16
N ASP B 40 -2.35 12.54 -35.58
CA ASP B 40 -2.33 12.89 -36.97
C ASP B 40 -0.96 12.59 -37.56
N LYS B 41 -0.97 11.95 -38.73
CA LYS B 41 0.14 12.00 -39.68
C LYS B 41 -0.36 12.35 -41.10
N GLY B 42 -1.62 12.74 -41.25
CA GLY B 42 -2.09 13.29 -42.51
C GLY B 42 -1.49 14.67 -42.72
N VAL B 43 -0.70 14.84 -43.79
CA VAL B 43 0.07 16.07 -44.03
C VAL B 43 -0.79 17.32 -43.86
N ASP B 44 -2.07 17.21 -44.21
CA ASP B 44 -3.03 18.29 -44.08
C ASP B 44 -3.74 18.22 -42.73
N PHE B 45 -4.18 19.38 -42.28
CA PHE B 45 -5.01 19.47 -41.09
C PHE B 45 -6.24 20.28 -41.44
N TRP B 46 -6.02 21.56 -41.74
CA TRP B 46 -7.08 22.49 -42.12
C TRP B 46 -8.12 21.87 -43.03
N SER B 47 -7.66 21.12 -44.04
CA SER B 47 -8.55 20.60 -45.08
C SER B 47 -9.21 19.28 -44.70
N THR B 48 -8.71 18.57 -43.70
CA THR B 48 -9.45 17.44 -43.16
C THR B 48 -10.49 17.87 -42.13
N ILE B 49 -10.31 19.05 -41.53
CA ILE B 49 -11.17 19.53 -40.44
C ILE B 49 -12.27 20.46 -40.93
N GLU B 50 -11.88 21.52 -41.63
CA GLU B 50 -12.80 22.53 -42.08
C GLU B 50 -13.79 21.79 -42.95
N LYS B 51 -13.28 20.83 -43.71
CA LYS B 51 -14.13 20.03 -44.55
C LYS B 51 -15.12 19.33 -43.66
N GLU B 52 -14.64 18.84 -42.54
CA GLU B 52 -15.45 17.99 -41.68
C GLU B 52 -16.67 18.68 -41.08
N ILE B 53 -16.51 19.92 -40.64
CA ILE B 53 -17.60 20.56 -39.92
C ILE B 53 -18.81 20.71 -40.81
N ARG B 54 -18.57 21.18 -42.02
CA ARG B 54 -19.66 21.53 -42.90
C ARG B 54 -20.50 20.33 -43.29
N GLU B 55 -19.82 19.24 -43.64
CA GLU B 55 -20.50 18.07 -44.17
C GLU B 55 -21.43 17.36 -43.21
N ASN B 56 -20.99 17.15 -41.98
CA ASN B 56 -21.72 16.26 -41.09
C ASN B 56 -22.16 16.77 -39.71
N THR B 57 -21.45 17.76 -39.19
CA THR B 57 -21.63 18.14 -37.81
C THR B 57 -23.02 18.66 -37.49
N CYS B 58 -23.57 18.22 -36.36
CA CYS B 58 -24.88 18.67 -35.93
C CYS B 58 -24.83 19.81 -34.91
N LYS B 59 -23.64 20.21 -34.49
CA LYS B 59 -23.51 21.30 -33.53
C LYS B 59 -22.01 21.54 -33.27
N PHE B 60 -21.68 22.76 -32.83
CA PHE B 60 -20.30 23.23 -32.69
C PHE B 60 -20.05 23.78 -31.30
N LEU B 61 -18.90 23.41 -30.68
CA LEU B 61 -18.54 23.71 -29.29
C LEU B 61 -17.14 24.30 -29.18
N ILE B 62 -17.02 25.44 -28.51
CA ILE B 62 -15.73 26.07 -28.25
C ILE B 62 -15.40 26.01 -26.75
N VAL B 63 -14.23 26.55 -26.37
CA VAL B 63 -13.65 26.39 -25.03
C VAL B 63 -13.13 27.75 -24.57
N SER B 64 -13.84 28.39 -23.65
CA SER B 64 -13.52 29.78 -23.28
C SER B 64 -12.46 29.76 -22.18
N SER B 65 -11.25 30.10 -22.54
CA SER B 65 -10.17 30.01 -21.58
C SER B 65 -9.19 31.12 -21.89
N THR B 66 -8.19 31.27 -21.04
CA THR B 66 -7.08 32.18 -21.35
C THR B 66 -6.43 31.79 -22.68
N ALA B 67 -6.03 30.53 -22.81
CA ALA B 67 -5.46 30.03 -24.05
C ALA B 67 -6.53 29.50 -25.00
N GLY B 68 -7.80 29.60 -24.64
CA GLY B 68 -8.84 29.37 -25.64
C GLY B 68 -8.96 30.54 -26.61
N ASN B 69 -8.99 31.75 -26.07
CA ASN B 69 -8.97 32.93 -26.94
C ASN B 69 -7.63 33.03 -27.67
N LYS B 70 -6.53 33.08 -26.92
CA LYS B 70 -5.22 33.44 -27.45
C LYS B 70 -4.66 32.43 -28.47
N ARG B 71 -5.15 31.21 -28.47
CA ARG B 71 -4.61 30.25 -29.43
C ARG B 71 -5.28 30.40 -30.78
N GLU B 72 -4.46 30.56 -31.80
CA GLU B 72 -4.93 30.85 -33.14
C GLU B 72 -5.76 29.71 -33.69
N GLY B 73 -5.36 28.49 -33.42
CA GLY B 73 -5.85 27.37 -34.19
C GLY B 73 -7.35 27.26 -34.11
N VAL B 74 -7.92 27.46 -32.94
CA VAL B 74 -9.37 27.45 -32.81
C VAL B 74 -10.01 28.58 -33.60
N LEU B 75 -9.40 29.76 -33.56
CA LEU B 75 -10.07 30.95 -34.03
C LEU B 75 -10.41 30.72 -35.47
N LYS B 76 -9.47 30.14 -36.18
CA LYS B 76 -9.71 29.80 -37.56
C LYS B 76 -10.84 28.80 -37.54
N GLU B 77 -10.78 27.90 -36.57
CA GLU B 77 -11.76 26.83 -36.47
C GLU B 77 -13.18 27.31 -36.20
N LEU B 78 -13.33 28.29 -35.33
CA LEU B 78 -14.62 28.93 -35.11
C LEU B 78 -15.14 29.74 -36.29
N ALA B 79 -14.23 30.42 -36.98
CA ALA B 79 -14.63 31.35 -38.00
C ALA B 79 -15.40 30.60 -39.06
N VAL B 80 -14.94 29.40 -39.39
CA VAL B 80 -15.62 28.63 -40.41
C VAL B 80 -17.04 28.36 -39.95
N ALA B 81 -17.19 27.97 -38.69
CA ALA B 81 -18.52 27.70 -38.19
C ALA B 81 -19.25 29.01 -38.25
N THR B 82 -18.58 30.07 -37.81
CA THR B 82 -19.29 31.34 -37.77
C THR B 82 -19.77 31.70 -39.16
N LYS B 83 -18.84 31.60 -40.11
CA LYS B 83 -19.14 31.63 -41.52
C LYS B 83 -19.97 30.39 -41.80
N VAL B 84 -19.61 29.34 -41.09
CA VAL B 84 -20.27 28.07 -41.17
C VAL B 84 -21.72 28.36 -40.84
N LYS B 85 -21.92 29.27 -39.90
CA LYS B 85 -23.24 29.59 -39.38
C LYS B 85 -24.24 30.10 -40.41
N LYS B 86 -23.79 30.94 -41.33
CA LYS B 86 -24.73 31.65 -42.17
C LYS B 86 -25.56 30.69 -42.99
N HIS B 87 -24.93 29.68 -43.56
CA HIS B 87 -25.62 28.81 -44.50
C HIS B 87 -26.79 28.04 -43.87
N LEU B 88 -26.57 27.49 -42.69
CA LEU B 88 -27.64 26.88 -41.91
C LEU B 88 -28.59 27.96 -41.47
N GLN B 89 -28.00 29.09 -41.10
CA GLN B 89 -28.73 30.27 -40.66
C GLN B 89 -29.15 30.17 -39.21
N ASP B 90 -28.78 29.08 -38.53
CA ASP B 90 -29.19 28.87 -37.14
C ASP B 90 -28.07 29.04 -36.11
N ASP B 91 -28.30 29.95 -35.16
CA ASP B 91 -27.40 30.21 -34.04
C ASP B 91 -27.26 29.03 -33.08
N MET B 92 -28.35 28.30 -32.88
CA MET B 92 -28.40 27.24 -31.89
C MET B 92 -27.38 26.18 -32.25
N PHE B 93 -26.93 26.20 -33.49
CA PHE B 93 -25.90 25.29 -33.95
C PHE B 93 -24.62 25.49 -33.16
N ILE B 94 -24.30 26.72 -32.81
CA ILE B 94 -23.04 27.00 -32.14
C ILE B 94 -23.21 27.30 -30.65
N ILE B 95 -22.49 26.58 -29.80
CA ILE B 95 -22.48 26.82 -28.36
C ILE B 95 -21.09 26.90 -27.75
N PRO B 96 -20.84 27.94 -26.96
CA PRO B 96 -19.57 28.06 -26.23
C PRO B 96 -19.62 27.38 -24.87
N LEU B 97 -18.43 27.12 -24.32
CA LEU B 97 -18.24 26.49 -23.02
C LEU B 97 -17.12 27.19 -22.27
N ALA B 98 -17.45 27.84 -21.14
CA ALA B 98 -16.48 28.55 -20.32
C ALA B 98 -16.14 27.72 -19.08
N ILE B 99 -14.85 27.65 -18.79
CA ILE B 99 -14.40 26.83 -17.68
C ILE B 99 -13.45 27.56 -16.76
N ASP B 100 -13.13 28.80 -17.09
CA ASP B 100 -12.20 29.55 -16.27
C ASP B 100 -12.85 30.79 -15.71
N GLU B 101 -12.76 30.95 -14.40
CA GLU B 101 -13.11 32.20 -13.76
C GLU B 101 -12.14 33.29 -14.23
N ASN B 102 -10.88 32.93 -14.33
CA ASN B 102 -9.84 33.87 -14.73
C ASN B 102 -9.94 34.44 -16.15
N LEU B 103 -10.31 33.61 -17.13
CA LEU B 103 -10.41 34.10 -18.50
C LEU B 103 -11.46 35.21 -18.45
N SER B 104 -11.18 36.31 -19.14
CA SER B 104 -11.93 37.55 -18.97
C SER B 104 -12.70 37.98 -20.21
N TYR B 105 -13.83 38.64 -20.00
CA TYR B 105 -14.76 38.89 -21.09
C TYR B 105 -14.01 39.66 -22.14
N ASP B 106 -13.19 40.60 -21.72
CA ASP B 106 -12.44 41.41 -22.67
C ASP B 106 -11.60 40.44 -23.46
N ASP B 107 -11.06 39.47 -22.76
CA ASP B 107 -10.31 38.42 -23.40
C ASP B 107 -11.21 37.64 -24.34
N ILE B 108 -12.47 37.44 -23.95
CA ILE B 108 -13.35 36.66 -24.80
C ILE B 108 -13.41 37.38 -26.12
N ASN B 109 -13.42 36.61 -27.19
CA ASN B 109 -13.49 37.20 -28.51
C ASN B 109 -14.92 37.62 -28.80
N ILE B 110 -15.04 38.60 -29.68
CA ILE B 110 -16.29 39.24 -29.99
C ILE B 110 -17.23 38.19 -30.58
N GLU B 111 -16.70 37.28 -31.37
CA GLU B 111 -17.56 36.27 -31.96
C GLU B 111 -18.19 35.53 -30.80
N ILE B 112 -17.40 35.31 -29.76
CA ILE B 112 -17.90 34.68 -28.54
C ILE B 112 -18.96 35.47 -27.79
N VAL B 113 -18.71 36.76 -27.60
CA VAL B 113 -19.30 37.48 -26.49
C VAL B 113 -20.81 37.46 -26.57
N ARG B 114 -21.31 37.68 -27.77
CA ARG B 114 -22.73 37.70 -28.00
C ARG B 114 -23.27 36.33 -27.66
N LEU B 115 -22.46 35.32 -27.93
CA LEU B 115 -22.94 33.96 -27.90
C LEU B 115 -23.41 33.59 -26.50
N ASN B 116 -24.43 32.72 -26.46
CA ASN B 116 -25.01 32.26 -25.20
C ASN B 116 -24.35 30.97 -24.76
N ALA B 117 -23.85 30.98 -23.52
CA ALA B 117 -22.87 30.00 -23.03
C ALA B 117 -23.48 29.02 -22.01
N ILE B 118 -22.88 27.78 -21.89
CA ILE B 118 -23.12 26.88 -20.74
C ILE B 118 -21.97 27.05 -19.74
N ASP B 119 -22.31 27.08 -18.45
CA ASP B 119 -21.33 27.39 -17.42
C ASP B 119 -20.87 26.17 -16.68
N PHE B 120 -19.55 25.99 -16.65
CA PHE B 120 -18.95 24.83 -16.02
C PHE B 120 -18.19 25.14 -14.76
N LYS B 121 -17.92 26.42 -14.51
CA LYS B 121 -17.05 26.75 -13.39
C LYS B 121 -17.69 26.27 -12.11
N LYS B 122 -19.00 26.45 -12.00
CA LYS B 122 -19.66 26.03 -10.78
C LYS B 122 -19.59 24.52 -10.59
N SER B 123 -19.91 23.76 -11.62
CA SER B 123 -19.70 22.32 -11.58
C SER B 123 -19.85 21.72 -12.97
N TRP B 124 -19.02 20.75 -13.31
CA TRP B 124 -19.12 20.15 -14.63
C TRP B 124 -20.46 19.46 -14.81
N ALA B 125 -20.89 18.74 -13.79
CA ALA B 125 -22.06 17.90 -13.96
C ALA B 125 -23.25 18.76 -14.28
N LYS B 126 -23.34 19.91 -13.61
CA LYS B 126 -24.44 20.80 -13.89
C LYS B 126 -24.34 21.33 -15.30
N GLY B 127 -23.15 21.74 -15.69
CA GLY B 127 -23.01 22.38 -16.98
C GLY B 127 -23.42 21.37 -18.02
N LEU B 128 -22.93 20.16 -17.85
CA LEU B 128 -23.21 19.14 -18.81
C LEU B 128 -24.70 18.90 -18.84
N GLN B 129 -25.32 18.91 -17.67
CA GLN B 129 -26.72 18.58 -17.61
C GLN B 129 -27.49 19.60 -18.42
N ASP B 130 -27.11 20.86 -18.28
CA ASP B 130 -27.75 21.87 -19.12
C ASP B 130 -27.72 21.48 -20.59
N LEU B 131 -26.64 20.86 -21.01
CA LEU B 131 -26.33 20.79 -22.43
C LEU B 131 -27.20 19.76 -23.12
N LEU B 132 -27.28 18.54 -22.60
CA LEU B 132 -28.10 17.50 -23.22
C LEU B 132 -29.60 17.81 -23.17
N ASP B 133 -30.02 18.75 -22.35
CA ASP B 133 -31.38 19.25 -22.47
C ASP B 133 -31.51 20.16 -23.70
N ALA B 134 -30.51 21.03 -23.91
CA ALA B 134 -30.44 21.82 -25.14
C ALA B 134 -30.34 20.91 -26.35
N PHE B 135 -29.58 19.83 -26.20
CA PHE B 135 -29.48 18.80 -27.22
C PHE B 135 -30.86 18.21 -27.38
N GLU B 136 -31.51 18.01 -26.25
CA GLU B 136 -32.85 17.48 -26.27
C GLU B 136 -33.73 18.52 -26.93
N LYS B 137 -33.47 19.78 -26.64
CA LYS B 137 -34.27 20.85 -27.20
C LYS B 137 -34.18 20.86 -28.72
N GLN B 138 -33.00 20.66 -29.27
CA GLN B 138 -32.83 20.65 -30.72
C GLN B 138 -33.09 19.28 -31.31
N ASN B 139 -33.33 18.30 -30.46
CA ASN B 139 -33.59 16.96 -30.96
C ASN B 139 -32.46 16.43 -31.83
N VAL B 140 -31.22 16.67 -31.40
CA VAL B 140 -30.07 16.27 -32.21
C VAL B 140 -30.01 14.77 -32.39
N PRO B 141 -29.63 14.36 -33.59
CA PRO B 141 -29.84 12.97 -34.04
C PRO B 141 -28.91 11.98 -33.35
N LYS B 142 -29.29 11.44 -32.20
CA LYS B 142 -28.34 10.80 -31.32
C LYS B 142 -28.85 9.44 -30.85
N LYS B 143 -28.04 8.37 -31.12
CA LYS B 143 -28.44 6.98 -30.87
C LYS B 143 -28.50 6.69 -29.37
N PRO B 144 -29.23 5.65 -28.95
CA PRO B 144 -29.36 5.36 -27.50
C PRO B 144 -28.01 4.99 -26.90
N PRO B 145 -27.85 5.17 -25.58
CA PRO B 145 -26.51 5.26 -24.99
C PRO B 145 -25.70 3.96 -25.12
N ASP B 146 -24.44 4.11 -25.55
CA ASP B 146 -23.47 3.01 -25.64
C ASP B 146 -22.12 3.53 -25.13
N HIS B 147 -21.84 3.32 -23.82
CA HIS B 147 -20.55 3.66 -23.24
C HIS B 147 -19.50 2.66 -23.62
N SER B 148 -19.90 1.41 -23.90
CA SER B 148 -18.93 0.39 -24.24
C SER B 148 -18.14 0.79 -25.48
N LYS B 149 -18.64 1.77 -26.24
CA LYS B 149 -17.82 2.44 -27.25
C LYS B 149 -16.72 3.24 -26.60
N SER B 150 -17.00 3.81 -25.43
CA SER B 150 -16.20 4.92 -24.94
C SER B 150 -14.82 4.47 -24.47
N ASN B 151 -14.76 3.42 -23.64
CA ASN B 151 -13.42 3.00 -23.20
C ASN B 151 -12.63 2.44 -24.38
N LEU B 152 -13.29 1.77 -25.34
CA LEU B 152 -12.53 1.29 -26.48
C LEU B 152 -11.83 2.44 -27.18
N LEU B 153 -12.39 3.64 -27.13
CA LEU B 153 -11.63 4.81 -27.54
C LEU B 153 -10.55 5.13 -26.50
N TYR B 154 -10.90 4.96 -25.23
CA TYR B 154 -9.97 5.28 -24.14
C TYR B 154 -8.78 4.31 -24.12
N GLN B 155 -9.05 2.99 -24.09
CA GLN B 155 -8.00 2.01 -24.29
C GLN B 155 -7.19 2.22 -25.58
N GLN B 156 -7.74 2.88 -26.58
CA GLN B 156 -6.99 2.98 -27.83
C GLN B 156 -6.38 4.35 -28.08
N ILE B 157 -7.09 5.41 -27.74
CA ILE B 157 -6.52 6.75 -27.88
C ILE B 157 -5.41 7.09 -26.91
N PHE B 158 -5.59 6.68 -25.66
CA PHE B 158 -4.70 7.12 -24.59
C PHE B 158 -3.84 5.99 -24.06
N LEU B 159 -4.46 4.85 -23.86
CA LEU B 159 -3.76 3.71 -23.32
C LEU B 159 -2.64 3.33 -24.26
N HIS B 160 -2.90 3.42 -25.56
CA HIS B 160 -1.92 2.97 -26.54
C HIS B 160 -0.62 3.76 -26.47
N ASP B 161 -0.70 5.07 -26.29
CA ASP B 161 0.50 5.87 -26.35
C ASP B 161 1.45 5.40 -25.27
N LYS B 162 0.91 5.14 -24.09
CA LYS B 162 1.70 4.57 -23.02
C LYS B 162 1.10 3.27 -22.52
N GLN B 163 1.74 2.17 -22.86
CA GLN B 163 1.25 0.86 -22.50
C GLN B 163 2.41 -0.13 -22.55
N ALA B 164 2.21 -1.31 -21.98
CA ALA B 164 3.27 -2.29 -21.94
C ALA B 164 3.63 -2.79 -23.33
N ILE B 165 4.93 -2.76 -23.62
CA ILE B 165 5.47 -3.25 -24.88
C ILE B 165 5.76 -4.74 -24.79
N GLU B 166 5.96 -5.36 -25.94
CA GLU B 166 6.29 -6.78 -25.99
C GLU B 166 7.80 -7.02 -25.94
N LYS B 167 8.59 -5.96 -25.91
CA LYS B 167 10.03 -6.12 -25.90
C LYS B 167 10.45 -6.86 -24.64
N GLU B 168 11.39 -7.79 -24.80
CA GLU B 168 11.96 -8.49 -23.68
C GLU B 168 13.24 -7.78 -23.25
N GLU B 169 13.59 -7.96 -21.97
CA GLU B 169 14.92 -7.59 -21.52
C GLU B 169 15.34 -8.41 -20.31
N THR B 170 16.57 -8.14 -19.86
CA THR B 170 17.24 -8.90 -18.81
C THR B 170 17.62 -7.99 -17.66
N TYR B 171 17.48 -8.56 -16.46
CA TYR B 171 17.43 -7.83 -15.19
C TYR B 171 18.50 -8.34 -14.22
N ASP B 172 19.55 -7.53 -13.95
CA ASP B 172 20.48 -7.83 -12.85
C ASP B 172 19.69 -8.06 -11.56
N SER B 173 20.22 -8.90 -10.66
CA SER B 173 19.56 -9.07 -9.37
C SER B 173 20.58 -9.01 -8.24
N ASN B 174 20.06 -9.16 -7.01
CA ASN B 174 20.90 -9.23 -5.82
C ASN B 174 21.33 -10.65 -5.53
N TRP B 175 21.11 -11.56 -6.47
CA TRP B 175 21.40 -12.97 -6.26
C TRP B 175 22.72 -13.30 -6.94
N PHE B 176 23.72 -13.58 -6.11
CA PHE B 176 25.00 -14.03 -6.58
C PHE B 176 25.10 -15.52 -6.38
N PRO B 177 25.41 -16.21 -7.56
CA PRO B 177 25.43 -17.67 -7.38
C PRO B 177 26.69 -18.04 -6.65
N ILE B 178 26.69 -19.24 -6.08
CA ILE B 178 27.85 -19.75 -5.37
C ILE B 178 28.78 -20.44 -6.36
N ILE B 179 29.99 -19.92 -6.51
CA ILE B 179 30.89 -20.45 -7.53
C ILE B 179 31.25 -21.90 -7.26
N SER B 180 31.60 -22.20 -6.02
CA SER B 180 32.10 -23.53 -5.70
C SER B 180 31.88 -23.89 -4.24
N PHE B 181 31.91 -25.17 -3.96
CA PHE B 181 31.76 -25.64 -2.60
C PHE B 181 32.85 -26.63 -2.30
N PRO B 182 33.15 -26.78 -0.93
CA PRO B 182 34.10 -27.86 -0.68
C PRO B 182 33.44 -29.16 -1.09
N ASN B 183 34.24 -30.12 -1.52
CA ASN B 183 33.70 -31.34 -2.10
C ASN B 183 32.85 -32.14 -1.13
N GLU B 184 33.29 -32.23 0.11
CA GLU B 184 32.59 -33.07 1.07
C GLU B 184 32.03 -32.17 2.15
N LEU B 185 31.00 -32.69 2.81
CA LEU B 185 30.39 -32.08 3.97
C LEU B 185 30.52 -33.03 5.15
N ARG B 186 31.22 -32.61 6.20
CA ARG B 186 31.68 -33.49 7.26
C ARG B 186 30.89 -33.31 8.55
N PHE B 187 30.64 -34.45 9.24
CA PHE B 187 30.04 -34.50 10.57
C PHE B 187 30.95 -35.30 11.51
N HIS B 188 31.07 -34.88 12.76
CA HIS B 188 32.02 -35.52 13.62
C HIS B 188 31.38 -36.07 14.85
N ARG B 189 31.67 -37.33 15.16
CA ARG B 189 31.19 -37.90 16.40
C ARG B 189 32.19 -37.52 17.45
N TYR B 190 32.35 -36.23 17.68
CA TYR B 190 33.32 -35.78 18.64
C TYR B 190 32.88 -36.31 19.99
N ASP B 191 31.59 -36.25 20.25
CA ASP B 191 31.06 -36.84 21.45
C ASP B 191 31.79 -36.31 22.65
N TRP B 192 32.22 -37.23 23.50
CA TRP B 192 32.78 -36.82 24.77
C TRP B 192 33.74 -35.69 24.49
N ARG B 193 34.30 -35.67 23.28
CA ARG B 193 35.28 -34.67 22.93
C ARG B 193 34.69 -33.27 23.01
N LEU B 194 33.42 -33.10 22.67
CA LEU B 194 32.79 -31.80 22.80
C LEU B 194 31.85 -31.78 24.01
N PRO B 195 32.10 -30.75 24.93
CA PRO B 195 31.17 -30.77 26.09
C PRO B 195 29.77 -30.35 25.69
N LYS B 196 28.77 -30.78 26.44
CA LYS B 196 27.40 -30.51 26.07
C LYS B 196 27.11 -29.01 26.05
N GLN B 197 27.65 -28.30 27.02
CA GLN B 197 27.39 -26.88 27.14
C GLN B 197 27.91 -26.10 25.95
N PHE B 198 29.09 -26.48 25.50
CA PHE B 198 29.90 -25.66 24.62
C PHE B 198 29.06 -25.02 23.54
N ASP B 199 29.56 -23.91 23.02
CA ASP B 199 28.82 -23.10 22.08
C ASP B 199 29.52 -23.14 20.75
N VAL B 200 28.92 -23.85 19.79
CA VAL B 200 29.53 -24.06 18.47
C VAL B 200 29.43 -22.83 17.59
N ARG B 201 28.70 -21.81 18.02
CA ARG B 201 28.70 -20.54 17.31
C ARG B 201 30.02 -19.81 17.50
N THR B 202 30.74 -20.24 18.51
CA THR B 202 31.96 -19.65 19.01
C THR B 202 33.17 -20.19 18.29
N LEU B 203 32.92 -21.07 17.35
CA LEU B 203 33.92 -21.98 16.83
C LEU B 203 35.14 -21.34 16.16
N ALA B 204 34.92 -20.28 15.40
CA ALA B 204 35.99 -19.60 14.66
C ALA B 204 36.28 -20.32 13.35
N PHE B 205 35.51 -21.37 13.11
CA PHE B 205 35.31 -21.93 11.80
C PHE B 205 33.83 -22.26 11.81
N PRO B 206 33.16 -22.12 10.67
CA PRO B 206 31.71 -22.38 10.65
C PRO B 206 31.35 -23.81 11.03
N ALA B 207 30.71 -24.00 12.17
CA ALA B 207 30.36 -25.34 12.61
C ALA B 207 29.05 -25.28 13.34
N ILE B 208 28.23 -26.32 13.15
CA ILE B 208 26.89 -26.37 13.71
C ILE B 208 26.75 -27.65 14.50
N ARG B 209 26.36 -27.49 15.76
CA ARG B 209 26.05 -28.63 16.59
C ARG B 209 24.94 -29.46 15.95
N TYR B 210 25.05 -30.78 16.07
CA TYR B 210 24.08 -31.69 15.49
C TYR B 210 23.77 -32.73 16.54
N LYS B 211 22.76 -33.53 16.31
CA LYS B 211 22.16 -34.26 17.39
C LYS B 211 23.19 -35.12 18.09
N GLU B 212 24.02 -35.82 17.32
CA GLU B 212 25.09 -36.58 17.92
C GLU B 212 26.46 -36.16 17.42
N TYR B 213 26.47 -35.26 16.44
CA TYR B 213 27.69 -34.87 15.74
C TYR B 213 27.75 -33.39 15.59
N LEU B 214 28.92 -32.90 15.20
CA LEU B 214 29.10 -31.49 14.90
C LEU B 214 29.35 -31.41 13.42
N CYS B 215 28.68 -30.48 12.75
CA CYS B 215 28.75 -30.44 11.30
C CYS B 215 29.55 -29.26 10.81
N THR B 216 30.49 -29.53 9.93
CA THR B 216 31.22 -28.46 9.28
C THR B 216 31.83 -28.90 7.99
N PHE B 217 32.19 -27.91 7.19
CA PHE B 217 33.07 -28.08 6.05
C PHE B 217 34.43 -28.51 6.55
N ALA B 218 34.82 -27.97 7.69
CA ALA B 218 36.18 -28.12 8.22
C ALA B 218 36.62 -29.54 8.58
N TRP B 219 37.89 -29.82 8.32
CA TRP B 219 38.49 -31.09 8.67
C TRP B 219 38.53 -31.24 10.18
N GLU B 220 38.31 -32.46 10.67
CA GLU B 220 38.25 -32.69 12.10
C GLU B 220 39.42 -32.03 12.84
N TYR B 221 40.57 -32.01 12.21
CA TYR B 221 41.76 -31.41 12.81
C TYR B 221 41.57 -29.93 13.11
N ASP B 222 40.69 -29.25 12.38
CA ASP B 222 40.71 -27.78 12.34
C ASP B 222 40.46 -27.15 13.71
N PHE B 223 39.83 -27.85 14.64
CA PHE B 223 39.32 -27.24 15.87
C PHE B 223 40.16 -27.69 17.07
N ILE B 224 41.29 -27.02 17.28
CA ILE B 224 42.22 -27.45 18.32
C ILE B 224 42.40 -26.39 19.38
N HIS B 225 42.92 -25.22 19.00
CA HIS B 225 43.33 -24.24 20.02
C HIS B 225 42.18 -23.82 20.91
N GLN B 226 40.94 -23.92 20.42
CA GLN B 226 39.76 -23.58 21.22
C GLN B 226 39.11 -24.81 21.82
N LEU B 227 39.25 -25.95 21.14
CA LEU B 227 38.70 -27.20 21.63
C LEU B 227 39.84 -28.22 21.59
N PRO B 228 40.55 -28.46 22.74
CA PRO B 228 41.55 -29.53 22.81
C PRO B 228 40.81 -30.84 23.00
N LYS B 229 41.44 -31.86 23.55
CA LYS B 229 40.82 -33.17 23.76
C LYS B 229 40.22 -33.72 22.48
N THR B 230 40.60 -33.14 21.32
CA THR B 230 40.09 -33.55 20.03
C THR B 230 41.12 -34.32 19.21
N GLU B 231 42.42 -34.04 19.35
CA GLU B 231 43.41 -34.89 18.68
C GLU B 231 43.22 -36.37 18.99
N THR B 232 42.44 -36.69 20.02
CA THR B 232 42.06 -38.04 20.39
C THR B 232 41.03 -38.64 19.44
N TYR B 233 40.74 -37.96 18.32
CA TYR B 233 39.63 -38.32 17.45
C TYR B 233 40.13 -39.05 16.23
N ASN B 234 39.52 -40.20 15.99
CA ASN B 234 39.91 -41.00 14.87
C ASN B 234 39.01 -40.57 13.72
N GLY B 235 39.61 -39.91 12.73
CA GLY B 235 38.91 -39.32 11.59
C GLY B 235 37.95 -40.24 10.85
N GLN B 236 38.15 -41.57 10.90
CA GLN B 236 37.20 -42.50 10.29
C GLN B 236 35.90 -42.60 11.06
N GLU B 237 35.85 -42.05 12.27
CA GLU B 237 34.56 -41.92 12.94
C GLU B 237 33.67 -40.84 12.31
N SER B 238 34.23 -40.05 11.38
CA SER B 238 33.53 -38.93 10.77
C SER B 238 32.74 -39.38 9.54
N ILE B 239 31.41 -39.19 9.59
CA ILE B 239 30.52 -39.43 8.46
C ILE B 239 30.66 -38.28 7.47
N ARG B 240 31.03 -38.58 6.23
CA ARG B 240 31.22 -37.55 5.22
C ARG B 240 30.19 -37.70 4.11
N ILE B 241 29.74 -36.56 3.57
CA ILE B 241 28.68 -36.52 2.56
C ILE B 241 29.16 -35.68 1.38
N SER B 242 28.79 -36.14 0.19
CA SER B 242 29.14 -35.39 -1.01
C SER B 242 28.34 -34.10 -1.04
N THR B 243 29.03 -33.01 -1.34
CA THR B 243 28.40 -31.71 -1.47
C THR B 243 27.28 -31.74 -2.49
N SER B 244 27.60 -32.12 -3.73
CA SER B 244 26.66 -32.03 -4.84
C SER B 244 25.48 -32.99 -4.72
N ASP B 245 25.60 -34.09 -3.96
CA ASP B 245 24.45 -34.97 -3.76
C ASP B 245 23.45 -34.40 -2.77
N ILE B 246 23.84 -33.43 -1.95
CA ILE B 246 22.87 -32.65 -1.18
C ILE B 246 22.09 -31.72 -2.11
N LEU B 247 22.83 -30.91 -2.90
CA LEU B 247 22.22 -30.02 -3.87
C LEU B 247 21.32 -30.77 -4.85
N SER B 248 21.77 -31.94 -5.32
CA SER B 248 20.95 -32.74 -6.22
C SER B 248 19.65 -33.17 -5.59
N GLY B 249 19.52 -33.05 -4.26
CA GLY B 249 18.46 -33.71 -3.54
C GLY B 249 18.54 -35.22 -3.56
N ARG B 250 19.45 -35.79 -4.37
CA ARG B 250 19.67 -37.23 -4.42
C ARG B 250 19.94 -37.83 -3.06
N TYR B 251 20.41 -37.04 -2.10
CA TYR B 251 20.78 -37.57 -0.81
C TYR B 251 19.63 -37.56 0.17
N ASP B 252 19.52 -38.64 0.91
CA ASP B 252 18.55 -38.76 1.98
C ASP B 252 19.06 -39.86 2.88
N THR B 253 18.57 -39.89 4.11
CA THR B 253 19.01 -40.92 5.02
C THR B 253 17.91 -41.32 5.97
N ASP B 254 18.05 -42.48 6.56
CA ASP B 254 17.14 -42.90 7.61
C ASP B 254 17.30 -41.90 8.75
N PHE B 255 18.54 -41.52 9.02
CA PHE B 255 18.82 -40.56 10.09
C PHE B 255 18.74 -39.09 9.67
N ILE B 256 18.75 -38.84 8.36
CA ILE B 256 18.72 -37.49 7.84
C ILE B 256 18.06 -37.41 6.45
N ARG B 257 17.59 -36.23 6.08
CA ARG B 257 16.99 -36.02 4.78
C ARG B 257 17.49 -34.73 4.14
N ASN B 258 17.34 -34.64 2.82
CA ASN B 258 18.01 -33.63 2.02
C ASN B 258 17.62 -32.22 2.44
N TYR B 259 16.36 -32.01 2.79
CA TYR B 259 15.95 -30.67 3.18
C TYR B 259 16.78 -30.29 4.40
N GLU B 260 16.95 -31.23 5.31
CA GLU B 260 17.62 -30.92 6.55
C GLU B 260 19.05 -30.48 6.27
N CYS B 261 19.72 -31.21 5.40
CA CYS B 261 21.10 -30.89 5.07
C CYS B 261 21.15 -29.52 4.43
N GLN B 262 20.18 -29.27 3.56
CA GLN B 262 20.14 -28.01 2.87
C GLN B 262 19.97 -26.93 3.92
N ARG B 263 19.15 -27.22 4.90
CA ARG B 263 18.86 -26.26 5.93
C ARG B 263 20.16 -25.91 6.64
N LEU B 264 20.98 -26.93 6.87
CA LEU B 264 22.20 -26.78 7.63
C LEU B 264 23.27 -25.97 6.91
N ILE B 265 23.41 -26.19 5.62
CA ILE B 265 24.47 -25.53 4.90
C ILE B 265 24.22 -24.05 5.02
N VAL B 266 22.95 -23.69 4.96
CA VAL B 266 22.62 -22.29 4.85
C VAL B 266 23.18 -21.60 6.07
N GLN B 267 22.98 -22.19 7.23
CA GLN B 267 23.38 -21.52 8.44
C GLN B 267 24.87 -21.33 8.36
N LEU B 268 25.52 -22.35 7.86
CA LEU B 268 26.95 -22.33 7.82
C LEU B 268 27.40 -21.19 6.95
N ILE B 269 26.68 -21.01 5.85
CA ILE B 269 27.09 -20.00 4.91
C ILE B 269 27.04 -18.68 5.64
N ASN B 270 25.99 -18.50 6.42
CA ASN B 270 25.84 -17.24 7.10
C ASN B 270 26.99 -17.02 8.05
N LYS B 271 27.31 -18.02 8.84
CA LYS B 271 28.37 -17.85 9.81
C LYS B 271 29.65 -17.62 9.07
N ALA B 272 29.85 -18.40 8.02
CA ALA B 272 31.05 -18.30 7.20
C ALA B 272 31.23 -16.92 6.64
N PHE B 273 30.13 -16.20 6.50
CA PHE B 273 30.19 -14.83 6.00
C PHE B 273 30.66 -13.85 7.08
N GLU B 274 29.98 -13.86 8.24
CA GLU B 274 30.42 -13.06 9.38
C GLU B 274 31.91 -13.24 9.63
N LEU B 275 32.37 -14.50 9.61
CA LEU B 275 33.80 -14.76 9.82
C LEU B 275 34.62 -14.02 8.79
N ARG B 276 34.42 -14.34 7.52
CA ARG B 276 35.22 -13.74 6.48
C ARG B 276 35.21 -12.22 6.59
N MET B 277 34.23 -11.69 7.32
CA MET B 277 33.89 -10.26 7.28
C MET B 277 34.89 -9.42 8.07
N LYS B 278 35.16 -9.80 9.32
CA LYS B 278 36.14 -9.07 10.12
C LYS B 278 37.47 -8.97 9.41
N ASP B 279 37.77 -9.93 8.57
CA ASP B 279 39.00 -9.89 7.79
C ASP B 279 39.00 -8.70 6.86
N LYS B 280 37.83 -8.40 6.32
CA LYS B 280 37.67 -7.46 5.22
C LYS B 280 37.90 -5.98 5.53
N ASN B 281 37.98 -5.64 6.80
CA ASN B 281 38.13 -4.23 7.19
C ASN B 281 36.99 -3.32 6.78
N VAL B 282 35.78 -3.75 7.11
CA VAL B 282 34.63 -2.88 7.04
C VAL B 282 33.92 -2.90 8.38
N ARG B 283 33.48 -1.76 8.87
CA ARG B 283 32.84 -1.77 10.16
C ARG B 283 31.47 -2.40 10.05
N GLU B 284 30.91 -2.79 11.19
CA GLU B 284 29.72 -3.62 11.22
C GLU B 284 28.58 -3.01 12.01
N TYR B 285 27.36 -3.34 11.63
CA TYR B 285 26.18 -2.83 12.29
C TYR B 285 25.28 -4.01 12.51
N GLN B 286 24.76 -4.15 13.71
CA GLN B 286 23.91 -5.28 13.98
C GLN B 286 22.44 -4.93 13.87
N MET B 287 21.78 -5.53 12.88
CA MET B 287 20.34 -5.51 12.81
C MET B 287 19.91 -6.46 13.88
N SER B 288 18.68 -6.33 14.36
CA SER B 288 18.24 -7.14 15.46
C SER B 288 18.28 -8.61 15.06
N LYS B 289 17.79 -8.92 13.87
CA LYS B 289 17.89 -10.27 13.37
C LYS B 289 19.31 -10.71 13.07
N THR B 290 20.08 -9.81 12.47
CA THR B 290 21.39 -10.14 11.93
C THR B 290 22.29 -8.92 11.78
N PHE B 291 23.55 -9.19 11.49
CA PHE B 291 24.51 -8.13 11.22
C PHE B 291 24.52 -7.63 9.78
N ALA B 292 24.94 -6.39 9.60
CA ALA B 292 25.15 -5.77 8.31
C ALA B 292 26.44 -4.98 8.40
N TYR B 293 27.14 -4.88 7.28
CA TYR B 293 28.53 -4.48 7.36
C TYR B 293 28.80 -3.41 6.30
N TRP B 294 29.51 -2.38 6.70
CA TRP B 294 29.59 -1.13 5.97
C TRP B 294 30.97 -0.54 6.10
N ILE B 295 31.28 0.40 5.24
CA ILE B 295 32.63 0.97 5.14
C ILE B 295 32.68 2.26 5.94
N GLU B 296 33.79 2.47 6.62
CA GLU B 296 34.10 3.69 7.35
C GLU B 296 34.59 4.80 6.44
N LYS B 297 34.52 6.04 6.92
CA LYS B 297 34.94 7.18 6.13
C LYS B 297 36.42 7.22 5.84
N GLY B 298 36.78 7.70 4.66
CA GLY B 298 38.15 7.99 4.33
C GLY B 298 38.98 6.79 3.92
N LYS B 299 38.33 5.64 3.83
CA LYS B 299 39.04 4.41 3.49
C LYS B 299 39.08 4.23 1.99
N LEU B 300 38.49 5.17 1.27
CA LEU B 300 38.38 5.10 -0.16
C LEU B 300 38.88 6.38 -0.76
N GLU B 301 39.25 6.37 -2.03
CA GLU B 301 39.75 7.57 -2.64
C GLU B 301 38.54 8.48 -2.81
N LYS B 302 38.56 9.59 -2.11
CA LYS B 302 37.49 10.56 -2.21
C LYS B 302 36.20 9.85 -1.85
N ASP B 303 36.32 8.82 -1.03
CA ASP B 303 35.15 8.11 -0.55
C ASP B 303 34.30 7.64 -1.72
N LYS B 304 34.98 7.22 -2.77
CA LYS B 304 34.39 6.52 -3.90
C LYS B 304 35.09 5.18 -4.09
N PHE B 305 34.48 4.28 -4.86
CA PHE B 305 35.14 3.05 -5.31
C PHE B 305 34.79 2.77 -6.76
N GLU B 306 35.81 2.62 -7.61
CA GLU B 306 35.59 2.46 -9.03
C GLU B 306 34.66 3.59 -9.52
N LYS B 307 35.02 4.82 -9.14
CA LYS B 307 34.30 6.06 -9.43
C LYS B 307 32.93 6.17 -8.75
N ILE B 308 32.50 5.17 -7.96
CA ILE B 308 31.15 5.12 -7.37
C ILE B 308 31.20 5.52 -5.88
N LYS B 309 30.44 6.55 -5.52
CA LYS B 309 30.42 7.05 -4.13
C LYS B 309 29.72 6.07 -3.20
N LEU B 310 30.33 5.82 -2.02
CA LEU B 310 29.77 4.92 -1.00
C LEU B 310 29.61 5.50 0.39
N VAL B 311 30.22 6.65 0.69
CA VAL B 311 29.92 7.46 1.87
C VAL B 311 29.96 8.92 1.44
N GLY B 312 28.89 9.67 1.74
CA GLY B 312 28.81 11.05 1.33
C GLY B 312 28.22 11.93 2.42
N LYS B 313 27.66 13.07 2.02
CA LYS B 313 27.26 14.09 2.97
C LYS B 313 25.75 14.29 2.99
N GLN B 314 25.12 13.97 4.13
CA GLN B 314 23.70 14.27 4.37
C GLN B 314 23.61 15.21 5.56
N LYS B 315 23.15 16.44 5.32
CA LYS B 315 22.84 17.42 6.37
C LYS B 315 24.05 17.66 7.27
N ASN B 316 23.94 17.26 8.55
CA ASN B 316 25.02 17.32 9.52
C ASN B 316 25.58 15.92 9.83
N LYS B 317 25.28 14.95 8.96
CA LYS B 317 25.57 13.54 9.17
C LYS B 317 26.37 13.00 7.98
N TYR B 318 27.06 11.88 8.20
CA TYR B 318 27.61 11.08 7.10
C TYR B 318 26.82 9.79 6.99
N TRP B 319 26.60 9.34 5.76
CA TRP B 319 25.83 8.14 5.50
C TRP B 319 26.70 7.15 4.74
N HIS B 320 26.42 5.87 4.93
CA HIS B 320 27.26 4.81 4.39
C HIS B 320 26.36 3.72 3.81
N PHE B 321 26.87 3.08 2.76
CA PHE B 321 26.10 2.05 2.07
C PHE B 321 26.60 0.67 2.49
N GLY B 322 25.75 -0.06 3.21
CA GLY B 322 26.12 -1.33 3.77
C GLY B 322 25.12 -2.42 3.46
N ILE B 323 25.52 -3.68 3.71
CA ILE B 323 24.75 -4.82 3.24
C ILE B 323 24.68 -5.94 4.27
N SER B 324 23.66 -6.77 4.11
CA SER B 324 23.41 -7.98 4.88
C SER B 324 23.66 -9.14 3.94
N ALA B 325 23.52 -10.38 4.45
CA ALA B 325 23.55 -11.54 3.58
C ALA B 325 22.99 -12.75 4.30
N ALA B 326 22.71 -13.77 3.50
CA ALA B 326 22.22 -15.09 3.87
C ALA B 326 22.27 -15.88 2.56
N GLY B 327 22.42 -17.20 2.61
CA GLY B 327 22.42 -17.90 1.35
C GLY B 327 21.13 -18.67 1.18
N LYS B 328 20.86 -19.15 -0.04
CA LYS B 328 19.80 -20.14 -0.19
C LYS B 328 20.29 -21.26 -1.10
N LEU B 329 19.68 -22.42 -0.90
CA LEU B 329 19.90 -23.61 -1.71
C LEU B 329 18.75 -23.88 -2.67
N TYR B 330 17.50 -23.67 -2.26
CA TYR B 330 16.34 -23.93 -3.11
C TYR B 330 15.90 -22.66 -3.84
N PRO B 331 15.93 -22.61 -5.20
CA PRO B 331 16.22 -23.59 -6.25
C PRO B 331 17.58 -23.40 -6.90
N SER B 332 18.45 -22.62 -6.28
CA SER B 332 19.85 -22.62 -6.66
C SER B 332 20.69 -22.33 -5.43
N PRO B 333 21.96 -22.56 -5.48
CA PRO B 333 22.83 -22.07 -4.41
C PRO B 333 23.34 -20.71 -4.81
N VAL B 334 22.89 -19.69 -4.10
CA VAL B 334 23.29 -18.30 -4.33
C VAL B 334 23.33 -17.58 -3.00
N LEU B 335 24.04 -16.45 -3.02
CA LEU B 335 24.15 -15.55 -1.89
C LEU B 335 23.33 -14.28 -2.13
N MET B 336 22.29 -14.12 -1.32
CA MET B 336 21.34 -13.03 -1.40
C MET B 336 21.85 -11.84 -0.58
N VAL B 337 22.06 -10.71 -1.24
CA VAL B 337 22.55 -9.48 -0.60
C VAL B 337 21.39 -8.50 -0.44
N SER B 338 21.05 -8.19 0.80
CA SER B 338 20.17 -7.05 1.06
C SER B 338 21.01 -5.79 1.24
N SER B 339 20.53 -4.67 0.71
CA SER B 339 21.20 -3.38 0.85
C SER B 339 20.64 -2.60 2.06
N HIS B 340 21.42 -1.61 2.52
CA HIS B 340 21.18 -0.90 3.77
C HIS B 340 21.89 0.45 3.76
N ILE B 341 21.33 1.43 4.44
CA ILE B 341 21.94 2.76 4.55
C ILE B 341 22.16 3.02 6.04
N ILE B 342 23.42 3.23 6.42
CA ILE B 342 23.81 3.36 7.82
C ILE B 342 24.60 4.64 7.98
N PHE B 343 24.27 5.40 9.01
CA PHE B 343 24.75 6.76 9.10
C PHE B 343 25.71 6.89 10.26
N THR B 344 26.53 7.94 10.23
CA THR B 344 27.42 8.25 11.32
C THR B 344 27.59 9.74 11.50
N MET B 345 27.46 10.25 12.73
CA MET B 345 27.71 11.67 12.97
C MET B 345 29.14 12.10 12.78
N ASP B 346 30.07 11.34 13.34
CA ASP B 346 31.48 11.60 13.11
C ASP B 346 31.83 11.26 11.67
N GLY B 347 31.14 10.24 11.17
CA GLY B 347 31.50 9.58 9.93
C GLY B 347 32.37 8.38 10.21
N ILE B 348 32.71 8.19 11.47
CA ILE B 348 33.32 6.96 11.95
C ILE B 348 32.52 6.33 13.08
N ASN B 349 31.36 6.87 13.40
CA ASN B 349 30.63 6.44 14.57
C ASN B 349 29.15 6.23 14.38
N LEU B 350 28.62 5.26 15.09
CA LEU B 350 27.23 4.91 15.01
C LEU B 350 26.39 5.96 15.70
N ILE B 351 25.10 5.93 15.45
CA ILE B 351 24.18 6.78 16.15
C ILE B 351 23.33 5.88 17.00
N LYS B 352 23.21 6.19 18.28
CA LYS B 352 22.57 5.28 19.21
C LYS B 352 21.09 5.10 18.89
N SER B 353 20.36 6.20 18.64
CA SER B 353 18.90 6.11 18.62
C SER B 353 18.43 5.36 17.40
N LYS B 354 17.60 4.35 17.65
CA LYS B 354 17.07 3.53 16.57
C LYS B 354 16.39 4.43 15.57
N SER B 355 15.45 5.23 16.06
CA SER B 355 14.58 5.98 15.18
C SER B 355 15.34 7.03 14.37
N ILE B 356 16.51 7.49 14.82
CA ILE B 356 17.25 8.47 14.03
C ILE B 356 17.92 7.81 12.82
N GLN B 357 18.42 6.58 12.98
CA GLN B 357 18.92 5.86 11.82
C GLN B 357 17.80 5.59 10.83
N HIS B 358 16.72 5.00 11.31
CA HIS B 358 15.65 4.63 10.42
C HIS B 358 15.12 5.85 9.73
N SER B 359 14.91 6.91 10.50
CA SER B 359 14.32 8.09 9.92
C SER B 359 15.29 8.59 8.87
N SER B 360 16.56 8.56 9.20
CA SER B 360 17.55 9.06 8.27
C SER B 360 17.60 8.28 6.98
N ARG B 361 17.47 6.96 7.07
CA ARG B 361 17.62 6.15 5.87
C ARG B 361 16.55 6.52 4.87
N ARG B 362 15.33 6.66 5.34
CA ARG B 362 14.25 6.91 4.43
C ARG B 362 14.44 8.22 3.70
N LYS B 363 14.84 9.25 4.43
CA LYS B 363 14.97 10.55 3.83
C LYS B 363 16.02 10.51 2.73
N GLN B 364 17.14 9.86 3.02
CA GLN B 364 18.17 9.71 2.01
C GLN B 364 17.70 8.83 0.86
N GLY B 365 16.92 7.82 1.19
CA GLY B 365 16.53 6.81 0.24
C GLY B 365 15.74 7.38 -0.93
N LYS B 366 14.89 8.35 -0.63
CA LYS B 366 14.01 8.85 -1.67
C LYS B 366 14.89 9.38 -2.78
N ASN B 367 15.94 10.08 -2.43
CA ASN B 367 16.82 10.64 -3.45
C ASN B 367 17.43 9.60 -4.40
N TRP B 368 17.33 8.32 -4.06
CA TRP B 368 18.04 7.25 -4.78
C TRP B 368 17.21 6.41 -5.74
N TRP B 369 17.81 6.06 -6.87
CA TRP B 369 17.13 5.43 -7.97
C TRP B 369 17.80 4.14 -8.41
N ASN B 370 17.07 3.30 -9.11
CA ASN B 370 17.46 1.91 -9.23
C ASN B 370 18.85 1.82 -9.82
N ASP B 371 19.15 2.67 -10.78
CA ASP B 371 20.44 2.60 -11.42
C ASP B 371 21.46 2.86 -10.34
N LYS B 372 21.16 3.81 -9.48
CA LYS B 372 22.10 4.12 -8.42
C LYS B 372 22.26 2.96 -7.47
N TRP B 373 21.16 2.35 -7.08
CA TRP B 373 21.25 1.24 -6.14
C TRP B 373 22.00 0.09 -6.78
N ARG B 374 21.69 -0.19 -8.04
CA ARG B 374 22.35 -1.26 -8.71
C ARG B 374 23.82 -0.93 -8.79
N GLU B 375 24.11 0.30 -9.18
CA GLU B 375 25.50 0.75 -9.24
C GLU B 375 26.22 0.66 -7.90
N LYS B 376 25.48 0.78 -6.78
CA LYS B 376 26.15 0.81 -5.49
C LYS B 376 26.30 -0.60 -4.91
N LEU B 377 25.22 -1.39 -4.92
CA LEU B 377 25.33 -2.80 -4.58
C LEU B 377 26.45 -3.46 -5.35
N LEU B 378 26.45 -3.31 -6.67
CA LEU B 378 27.39 -3.95 -7.58
C LEU B 378 28.81 -3.42 -7.48
N ALA B 379 29.05 -2.30 -6.83
CA ALA B 379 30.43 -1.89 -6.55
C ALA B 379 30.93 -2.41 -5.20
N PHE B 380 30.03 -2.53 -4.24
CA PHE B 380 30.36 -3.03 -2.91
C PHE B 380 30.68 -4.51 -2.90
N ILE B 381 30.55 -5.19 -4.04
CA ILE B 381 30.88 -6.59 -4.16
C ILE B 381 32.18 -6.79 -4.93
N ARG B 382 32.44 -5.91 -5.89
CA ARG B 382 33.77 -5.87 -6.51
C ARG B 382 34.84 -5.31 -5.55
N PHE B 383 34.44 -4.84 -4.37
CA PHE B 383 35.40 -4.38 -3.38
C PHE B 383 35.87 -5.52 -2.47
N LEU B 384 34.93 -6.25 -1.90
CA LEU B 384 35.23 -7.48 -1.17
C LEU B 384 35.70 -8.62 -2.05
N SER B 385 35.75 -8.46 -3.36
CA SER B 385 36.22 -9.54 -4.22
C SER B 385 37.75 -9.64 -4.13
N ASP B 386 38.19 -10.77 -3.59
CA ASP B 386 39.58 -11.12 -3.50
C ASP B 386 40.09 -11.20 -4.91
N ASP B 387 39.24 -11.73 -5.78
CA ASP B 387 39.44 -11.65 -7.20
C ASP B 387 38.18 -11.00 -7.73
N GLN B 388 38.26 -10.39 -8.88
CA GLN B 388 37.13 -9.69 -9.46
C GLN B 388 36.01 -10.68 -9.64
N ASN B 389 36.37 -11.90 -10.02
CA ASN B 389 35.38 -12.94 -10.22
C ASN B 389 34.62 -13.33 -8.96
N ALA B 390 35.31 -13.44 -7.83
CA ALA B 390 34.66 -13.95 -6.65
C ALA B 390 35.31 -13.55 -5.34
N ILE B 391 34.61 -13.83 -4.26
CA ILE B 391 35.11 -13.56 -2.92
C ILE B 391 35.28 -14.88 -2.16
N TYR B 392 36.44 -15.09 -1.55
CA TYR B 392 36.76 -16.33 -0.87
C TYR B 392 36.18 -16.28 0.53
N LEU B 393 35.29 -17.23 0.84
CA LEU B 393 34.77 -17.39 2.19
C LEU B 393 35.43 -18.63 2.76
N ASN B 394 36.24 -18.44 3.79
CA ASN B 394 36.92 -19.57 4.39
C ASN B 394 35.96 -20.35 5.30
N VAL B 395 35.87 -21.64 5.06
CA VAL B 395 35.04 -22.52 5.88
C VAL B 395 35.84 -23.67 6.47
N GLY B 396 36.96 -24.04 5.86
CA GLY B 396 37.94 -24.89 6.48
C GLY B 396 39.32 -24.29 6.22
N SER B 397 40.29 -24.74 7.02
CA SER B 397 41.61 -24.14 6.98
C SER B 397 42.16 -24.13 5.58
N GLU B 398 41.83 -25.18 4.82
CA GLU B 398 42.09 -25.28 3.40
C GLU B 398 40.81 -25.43 2.59
N GLU B 399 39.65 -25.58 3.25
CA GLU B 399 38.34 -25.69 2.59
C GLU B 399 37.67 -24.32 2.43
N LYS B 400 37.26 -24.00 1.21
CA LYS B 400 36.69 -22.69 0.89
C LYS B 400 35.35 -22.82 0.18
N ILE B 401 34.59 -21.72 0.26
CA ILE B 401 33.39 -21.52 -0.55
C ILE B 401 33.59 -20.23 -1.34
N LEU B 402 33.32 -20.29 -2.64
CA LEU B 402 33.53 -19.17 -3.54
C LEU B 402 32.21 -18.67 -4.11
N ILE B 403 32.13 -17.35 -4.27
CA ILE B 403 30.89 -16.66 -4.67
C ILE B 403 31.26 -15.53 -5.64
N SER B 404 30.51 -15.46 -6.76
CA SER B 404 30.84 -14.57 -7.86
C SER B 404 30.23 -13.20 -7.69
N ASN B 405 31.00 -12.17 -8.03
CA ASN B 405 30.54 -10.80 -8.05
C ASN B 405 29.65 -10.48 -9.25
N LYS B 406 29.61 -11.31 -10.28
CA LYS B 406 28.63 -11.13 -11.34
C LYS B 406 27.31 -11.78 -10.94
N PRO B 407 26.28 -11.01 -10.57
CA PRO B 407 25.01 -11.60 -10.14
C PRO B 407 24.17 -12.12 -11.31
N LEU B 408 23.28 -13.06 -10.98
CA LEU B 408 22.53 -13.80 -12.00
C LEU B 408 21.39 -12.96 -12.60
N LYS B 409 21.41 -12.81 -13.93
CA LYS B 409 20.46 -11.99 -14.67
C LYS B 409 19.18 -12.79 -14.94
N PHE B 410 18.06 -12.09 -14.92
CA PHE B 410 16.75 -12.69 -15.18
C PHE B 410 16.20 -12.28 -16.54
N PHE B 411 15.64 -13.23 -17.27
CA PHE B 411 15.02 -12.93 -18.56
C PHE B 411 13.67 -12.26 -18.43
N GLY B 412 13.43 -11.23 -19.25
CA GLY B 412 12.15 -10.54 -19.22
C GLY B 412 11.37 -10.61 -20.51
N LYS B 413 10.19 -11.20 -20.43
CA LYS B 413 9.28 -11.31 -21.56
C LYS B 413 8.69 -9.98 -22.06
N MET B 414 8.25 -9.13 -21.13
CA MET B 414 7.53 -7.90 -21.47
C MET B 414 8.09 -6.67 -20.80
N SER B 415 8.24 -5.58 -21.55
CA SER B 415 8.88 -4.38 -21.04
C SER B 415 8.01 -3.12 -21.09
N TYR B 416 8.68 -1.98 -21.01
CA TYR B 416 8.06 -0.67 -21.11
C TYR B 416 9.07 0.29 -21.70
N VAL B 417 8.65 1.51 -22.00
CA VAL B 417 9.52 2.51 -22.58
C VAL B 417 9.77 3.64 -21.61
N THR B 418 10.99 4.17 -21.60
CA THR B 418 11.43 5.00 -20.49
C THR B 418 11.05 6.48 -20.55
N PRO B 419 10.17 6.88 -19.53
CA PRO B 419 10.00 8.34 -19.45
C PRO B 419 11.18 8.93 -18.68
N SER B 420 11.40 10.24 -18.70
CA SER B 420 12.56 10.78 -17.98
C SER B 420 12.33 11.90 -16.95
N GLU B 421 12.91 11.73 -15.76
CA GLU B 421 13.11 12.81 -14.79
C GLU B 421 11.87 13.17 -13.98
N VAL B 422 10.81 12.43 -14.22
CA VAL B 422 9.54 12.63 -13.58
C VAL B 422 9.58 12.39 -12.08
N THR B 423 10.38 11.41 -11.68
CA THR B 423 10.45 10.91 -10.32
C THR B 423 10.88 11.97 -9.34
N LEU B 424 11.80 12.82 -9.76
CA LEU B 424 12.42 13.73 -8.83
C LEU B 424 11.32 14.58 -8.24
N GLU B 425 10.37 14.97 -9.08
CA GLU B 425 9.20 15.64 -8.55
C GLU B 425 8.46 14.68 -7.64
N GLU B 426 8.30 13.42 -8.06
CA GLU B 426 7.67 12.42 -7.22
C GLU B 426 8.51 12.16 -5.98
N GLU B 427 9.80 12.08 -6.23
CA GLU B 427 10.82 11.85 -5.20
C GLU B 427 10.91 12.99 -4.18
N SER B 428 10.81 14.24 -4.64
CA SER B 428 10.67 15.38 -3.72
C SER B 428 9.24 15.53 -3.19
N VAL B 429 8.22 14.96 -3.88
CA VAL B 429 6.90 14.75 -3.28
C VAL B 429 6.94 13.68 -2.21
N LEU B 430 8.04 12.93 -2.10
CA LEU B 430 8.21 11.90 -1.08
C LEU B 430 8.81 12.45 0.21
N ALA B 431 9.44 13.63 0.17
CA ALA B 431 9.77 14.33 1.41
C ALA B 431 8.51 14.89 2.07
N ASP B 432 7.57 15.43 1.26
CA ASP B 432 6.23 15.87 1.71
C ASP B 432 5.28 14.70 2.01
N ILE B 433 5.77 13.46 1.90
CA ILE B 433 5.10 12.25 2.35
C ILE B 433 5.43 11.89 3.80
N ASN B 434 6.35 12.64 4.45
CA ASN B 434 6.65 12.55 5.89
C ASN B 434 5.52 13.19 6.79
N ASN B 435 4.37 13.45 6.15
CA ASN B 435 3.26 14.23 6.70
C ASN B 435 2.03 13.38 7.01
N PHE B 436 1.25 13.04 5.96
CA PHE B 436 -0.01 12.30 6.10
C PHE B 436 0.23 10.81 6.34
N GLU B 437 1.40 10.49 6.91
CA GLU B 437 1.74 9.14 7.39
C GLU B 437 1.00 8.78 8.69
N GLU B 438 -0.16 9.40 8.90
CA GLU B 438 -0.88 9.31 10.16
C GLU B 438 -1.67 8.02 10.26
N ASP B 439 -1.65 7.42 11.47
CA ASP B 439 -2.51 6.30 11.81
C ASP B 439 -3.89 6.74 12.27
N THR B 440 -4.00 7.94 12.89
CA THR B 440 -5.31 8.46 13.29
C THR B 440 -6.06 9.11 12.10
N GLU B 441 -5.29 9.57 11.13
CA GLU B 441 -5.82 10.04 9.87
C GLU B 441 -6.16 8.81 9.06
N ASP B 442 -7.42 8.68 8.66
CA ASP B 442 -7.83 7.47 7.96
C ASP B 442 -7.47 7.62 6.49
N LEU B 443 -6.17 7.62 6.21
CA LEU B 443 -5.70 7.67 4.84
C LEU B 443 -4.39 6.91 4.65
N ASP B 444 -4.20 6.38 3.44
CA ASP B 444 -2.96 5.70 3.09
C ASP B 444 -2.39 6.38 1.87
N GLU B 445 -1.08 6.61 1.81
CA GLU B 445 -0.56 7.25 0.60
C GLU B 445 -0.09 6.26 -0.46
N LEU B 446 0.41 6.80 -1.56
CA LEU B 446 1.04 5.96 -2.56
C LEU B 446 2.36 5.64 -1.94
MG MG C . -0.66 7.67 30.84
MG MG D . -11.85 6.73 8.79
#